data_8CDM
#
_entry.id   8CDM
#
_cell.length_a   89.931
_cell.length_b   114.409
_cell.length_c   170.332
_cell.angle_alpha   90.000
_cell.angle_beta   90.000
_cell.angle_gamma   90.000
#
_symmetry.space_group_name_H-M   'P 21 21 21'
#
loop_
_entity.id
_entity.type
_entity.pdbx_description
1 polymer Myosin-A
2 polymer 'Myosin A tail domain interacting protein'
3 polymer 'Myosin essential light chain ELC'
4 non-polymer 1,2-ETHANEDIOL
5 non-polymer 1-(4-methoxyphenyl)-~{N}-[(3-thiophen-2-yl-1~{H}-pyrazol-4-yl)methyl]cyclopropan-1-amine
6 non-polymer 'TETRAETHYLENE GLYCOL'
7 water water
#
loop_
_entity_poly.entity_id
_entity_poly.type
_entity_poly.pdbx_seq_one_letter_code
_entity_poly.pdbx_strand_id
1 'polypeptide(L)'
;MAVTNEEIKTASKIVRRV(SEP)NVEAFDKSGSVFKGYQIWTDISPTIENDPNIMFVKCVVQQGSKKEKLTVVQIDPPGT
GTPYDIDPTHAWNCNSQVDPMSFGDIGLLNHTNIPCVLDFLKHRYLKNQIYTTAVPLIVAINPYKDLGNTTNEWIRRYRD
TADHTKLPPHVFTCAREALSNLHGVNKSQTIIVSGESGAGKTEATKQIMRYFASSKSGNMDLRIQTAIMAANPVLEAFGN
AKTIRNNNSSRFGRFMQLVISHEGGIRYGSVVAFLLEKSRIITQDDNERSYHIFYQFLKGANSTMKSKFGLKGVTEYKLL
NPNSTEVSGVDDVKDFEEVIESLKNMELSESDIEVIFSIVAGILTLGNVRLIEKQEAGLSDAAAIMDEDMGVFNKACELM
YLDPELIKREILIKVTVAGGTKIEGRWNKNDAEVLKSSLCKAMYEKLFLWIIRHLNSRIEPEGGFKTFMGMLDIFGFEVF
KNNSLEQLFINITNEMLQKNFVDIVFERESKLYKDEGISTAELKYTSNKEVINVLCEKGKSVLSYLEDQCLAPGGTDEKF
VSSCATNLKENNKFTPAKVASNKNFIIQHTIGPIQYCAESFLLKNKDVLRGDLVEVIKDSPNPIVQQLFEGQVIEKGKIA
KGSLIGSQFLNQLTSLMNLINSTEPHFIRCIKPNENKKPLEWCEPKILIQLHALSILEALVLRQLGYSYRRTFEEFLYQY
KFVDIAAAEDSSVENQNKCVNILKLSGLSESMYKIGKSMVFLKQEGAKILTKIQREKLVEWENCVSVIEAAILKHKYKQK
VNKNIPSLLRVQAHIRKKMVAQ
;
A
2 'polypeptide(L)'
;MKQECNVCYFNLPDPESTLGPYDNELNYFTWGPGFEYEPEPQRKPLSIEESFENSEESEESVADIQQLEEKVDESDVRIY
FNEKSSGGKISIDNASYNARKLGLAPSSIDEKKIKELYGDNLTYEQYLEYLSICVHDKDNVEELIKMFAHFDNNCTGYLT
KSQMKNILTTWGDALTDQEAIDALNAFSSEDNIDYKLFCEDILQ
;
B
3 'polypeptide(L)'
;MASDMEEKFREAFILFSSCSDHIEMYKFFELMNSFGIILTNDEKAALPNDINMDYWLNFAKKHYNYEQPFKHINNVNEQN
TNVQIKIDNFLGIMKALDTRLTESDLNILLQITNPENKSTLNLKTVSQKLTESI
;
E
#
loop_
_chem_comp.id
_chem_comp.type
_chem_comp.name
_chem_comp.formula
EDO non-polymer 1,2-ETHANEDIOL 'C2 H6 O2'
KQ0 non-polymer 1-(4-methoxyphenyl)-~{N}-[(3-thiophen-2-yl-1~{H}-pyrazol-4-yl)methyl]cyclopropan-1-amine 'C18 H19 N3 O S'
PG4 non-polymer 'TETRAETHYLENE GLYCOL' 'C8 H18 O5'
#
# COMPACT_ATOMS: atom_id res chain seq x y z
N ALA A 2 0.14 -16.27 11.51
CA ALA A 2 1.52 -15.96 11.17
C ALA A 2 2.12 -14.88 12.09
N VAL A 3 1.32 -14.31 12.99
CA VAL A 3 1.80 -13.23 13.86
C VAL A 3 2.56 -13.84 15.04
N THR A 4 3.88 -13.62 15.06
CA THR A 4 4.68 -14.15 16.14
C THR A 4 4.52 -13.29 17.40
N ASN A 5 5.03 -13.82 18.52
CA ASN A 5 5.02 -13.06 19.75
C ASN A 5 6.00 -11.90 19.69
N GLU A 6 7.12 -12.07 19.00
CA GLU A 6 8.04 -10.96 18.81
C GLU A 6 7.32 -9.77 18.18
N GLU A 7 6.45 -10.02 17.19
CA GLU A 7 5.78 -8.92 16.51
C GLU A 7 4.78 -8.22 17.43
N ILE A 8 4.02 -8.99 18.20
CA ILE A 8 3.08 -8.39 19.15
C ILE A 8 3.83 -7.53 20.16
N LYS A 9 4.98 -8.02 20.62
CA LYS A 9 5.80 -7.28 21.59
C LYS A 9 6.32 -5.99 20.99
N THR A 10 6.94 -6.06 19.80
CA THR A 10 7.48 -4.84 19.21
C THR A 10 6.38 -3.89 18.77
N ALA A 11 5.28 -4.44 18.22
CA ALA A 11 4.16 -3.57 17.84
C ALA A 11 3.62 -2.79 19.05
N SER A 12 3.56 -3.44 20.21
CA SER A 12 3.03 -2.78 21.39
C SER A 12 3.97 -1.67 21.87
N LYS A 13 5.28 -1.78 21.60
CA LYS A 13 6.20 -0.72 21.99
C LYS A 13 6.09 0.51 21.09
N ILE A 14 5.69 0.31 19.84
CA ILE A 14 5.47 1.44 18.95
C ILE A 14 4.27 2.27 19.38
N VAL A 15 3.32 1.66 20.09
CA VAL A 15 2.09 2.33 20.49
C VAL A 15 2.38 3.34 21.58
N ARG A 16 1.88 4.56 21.41
CA ARG A 16 2.12 5.62 22.37
C ARG A 16 0.82 6.42 22.53
N ARG A 17 0.52 6.84 23.76
CA ARG A 17 -0.60 7.72 24.02
C ARG A 17 -0.10 9.16 24.01
N VAL A 18 -0.66 9.99 23.14
CA VAL A 18 -0.23 11.39 23.04
C VAL A 18 -1.34 12.38 23.43
N SEP A 19 -2.26 12.65 22.52
CA SEP A 19 -3.41 13.48 22.84
CB SEP A 19 -4.22 13.77 21.57
OG SEP A 19 -3.55 13.18 20.48
C SEP A 19 -4.30 12.79 23.88
O SEP A 19 -4.30 11.56 23.98
P SEP A 19 -4.60 12.82 19.35
O1P SEP A 19 -3.79 12.44 18.00
O2P SEP A 19 -5.53 14.09 19.03
O3P SEP A 19 -5.49 11.59 19.88
N ASN A 20 -5.02 13.57 24.67
CA ASN A 20 -5.88 13.00 25.67
C ASN A 20 -7.34 13.09 25.25
N VAL A 21 -8.13 12.15 25.72
CA VAL A 21 -9.53 12.04 25.36
C VAL A 21 -10.34 13.06 26.15
N GLU A 22 -11.20 13.80 25.46
CA GLU A 22 -12.11 14.76 26.10
C GLU A 22 -13.54 14.23 25.98
N ALA A 23 -13.86 13.27 26.84
CA ALA A 23 -15.14 12.58 26.76
C ALA A 23 -16.23 13.25 27.57
N PHE A 24 -15.87 14.20 28.43
CA PHE A 24 -16.81 14.82 29.36
C PHE A 24 -17.02 16.29 29.01
N ASP A 25 -18.23 16.77 29.27
CA ASP A 25 -18.60 18.14 29.02
C ASP A 25 -18.29 19.00 30.26
N LYS A 26 -18.64 20.30 30.17
CA LYS A 26 -18.38 21.21 31.29
C LYS A 26 -18.98 20.66 32.57
N SER A 27 -20.25 20.23 32.50
CA SER A 27 -20.96 19.75 33.67
C SER A 27 -20.33 18.50 34.27
N GLY A 28 -19.46 17.80 33.54
CA GLY A 28 -18.88 16.56 34.00
C GLY A 28 -19.51 15.29 33.46
N SER A 29 -20.43 15.41 32.51
CA SER A 29 -21.17 14.28 31.98
C SER A 29 -20.54 13.81 30.67
N VAL A 30 -20.60 12.50 30.43
CA VAL A 30 -20.06 11.94 29.20
C VAL A 30 -20.91 12.39 28.02
N PHE A 31 -20.25 12.88 26.97
CA PHE A 31 -20.96 13.18 25.73
C PHE A 31 -21.69 11.94 25.24
N LYS A 32 -22.99 12.08 24.96
CA LYS A 32 -23.80 10.95 24.56
C LYS A 32 -23.25 10.26 23.31
N GLY A 33 -22.87 8.99 23.45
CA GLY A 33 -22.35 8.22 22.34
C GLY A 33 -20.88 8.41 22.04
N TYR A 34 -20.12 9.03 22.93
CA TYR A 34 -18.72 9.36 22.64
C TYR A 34 -17.91 8.11 22.35
N GLN A 35 -17.24 8.07 21.20
CA GLN A 35 -16.47 6.92 20.74
C GLN A 35 -14.96 7.07 21.00
N ILE A 36 -14.30 5.98 21.39
CA ILE A 36 -12.85 5.97 21.53
C ILE A 36 -12.29 4.70 20.88
N TRP A 37 -10.96 4.70 20.69
CA TRP A 37 -10.22 3.50 20.30
C TRP A 37 -9.53 2.96 21.53
N THR A 38 -9.57 1.63 21.73
CA THR A 38 -8.83 1.08 22.85
C THR A 38 -8.16 -0.21 22.42
N ASP A 39 -7.07 -0.54 23.11
CA ASP A 39 -6.33 -1.76 22.86
C ASP A 39 -6.64 -2.82 23.90
N ILE A 40 -7.74 -2.67 24.62
CA ILE A 40 -8.16 -3.60 25.66
C ILE A 40 -9.51 -4.18 25.23
N SER A 41 -9.51 -5.48 24.92
CA SER A 41 -10.69 -6.15 24.37
C SER A 41 -10.44 -7.64 24.21
N PRO A 42 -11.41 -8.48 24.56
CA PRO A 42 -11.25 -9.92 24.28
C PRO A 42 -11.04 -10.20 22.81
N THR A 43 -11.60 -9.36 21.94
CA THR A 43 -11.37 -9.48 20.50
C THR A 43 -9.90 -9.45 20.19
N ILE A 44 -9.14 -8.59 20.86
CA ILE A 44 -7.70 -8.49 20.69
C ILE A 44 -6.99 -9.67 21.32
N GLU A 45 -7.45 -10.13 22.49
CA GLU A 45 -6.84 -11.31 23.09
C GLU A 45 -6.95 -12.51 22.16
N ASN A 46 -8.06 -12.61 21.42
CA ASN A 46 -8.37 -13.79 20.65
C ASN A 46 -7.96 -13.69 19.19
N ASP A 47 -7.75 -12.49 18.65
CA ASP A 47 -7.33 -12.33 17.26
C ASP A 47 -6.09 -11.45 17.13
N PRO A 48 -4.89 -12.04 16.99
CA PRO A 48 -3.66 -11.24 16.91
C PRO A 48 -3.57 -10.28 15.72
N ASN A 49 -4.55 -10.31 14.82
CA ASN A 49 -4.62 -9.41 13.67
C ASN A 49 -5.15 -8.03 14.02
N ILE A 50 -5.77 -7.91 15.19
CA ILE A 50 -6.50 -6.72 15.58
C ILE A 50 -5.76 -6.13 16.76
N MET A 51 -5.36 -4.88 16.65
CA MET A 51 -4.64 -4.24 17.74
C MET A 51 -5.51 -3.29 18.56
N PHE A 52 -6.59 -2.78 17.97
CA PHE A 52 -7.43 -1.74 18.58
C PHE A 52 -8.88 -2.03 18.25
N VAL A 53 -9.77 -1.65 19.15
CA VAL A 53 -11.20 -1.73 18.88
C VAL A 53 -11.87 -0.41 19.22
N LYS A 54 -13.07 -0.25 18.68
CA LYS A 54 -13.87 0.95 18.89
C LYS A 54 -14.92 0.70 19.98
N CYS A 55 -14.99 1.63 20.94
CA CYS A 55 -15.93 1.57 22.05
C CYS A 55 -16.67 2.90 22.16
N VAL A 56 -17.74 2.93 22.94
CA VAL A 56 -18.31 4.20 23.34
C VAL A 56 -18.26 4.29 24.86
N VAL A 57 -17.83 5.45 25.36
CA VAL A 57 -17.79 5.72 26.79
C VAL A 57 -19.21 5.81 27.31
N GLN A 58 -19.46 5.19 28.46
CA GLN A 58 -20.80 5.04 29.01
C GLN A 58 -21.10 6.17 29.99
N GLN A 59 -22.37 6.58 30.02
CA GLN A 59 -22.78 7.58 30.99
C GLN A 59 -22.50 7.04 32.39
N GLY A 60 -21.97 7.90 33.26
CA GLY A 60 -21.54 7.50 34.58
C GLY A 60 -20.04 7.29 34.71
N SER A 61 -19.29 7.25 33.61
CA SER A 61 -17.85 7.08 33.72
C SER A 61 -17.24 8.17 34.58
N LYS A 62 -16.23 7.80 35.34
CA LYS A 62 -15.40 8.74 36.07
C LYS A 62 -14.19 9.11 35.22
N LYS A 63 -13.52 10.20 35.61
CA LYS A 63 -12.37 10.67 34.85
C LYS A 63 -11.19 9.72 35.02
N GLU A 64 -10.96 9.23 36.23
CA GLU A 64 -9.81 8.35 36.46
C GLU A 64 -9.97 6.97 35.83
N LYS A 65 -11.18 6.58 35.44
CA LYS A 65 -11.44 5.22 34.97
C LYS A 65 -12.67 5.25 34.08
N LEU A 66 -12.50 4.91 32.81
CA LEU A 66 -13.60 4.91 31.86
C LEU A 66 -14.32 3.56 31.85
N THR A 67 -15.63 3.61 31.67
CA THR A 67 -16.44 2.44 31.42
C THR A 67 -16.91 2.51 29.99
N VAL A 68 -16.56 1.49 29.20
CA VAL A 68 -16.82 1.48 27.77
C VAL A 68 -17.55 0.19 27.38
N VAL A 69 -18.19 0.23 26.21
CA VAL A 69 -18.80 -0.94 25.58
C VAL A 69 -18.29 -1.00 24.15
N GLN A 70 -17.80 -2.17 23.74
CA GLN A 70 -17.24 -2.31 22.39
C GLN A 70 -18.35 -2.35 21.34
N ILE A 71 -18.17 -1.58 20.26
CA ILE A 71 -19.17 -1.50 19.21
C ILE A 71 -18.64 -1.96 17.86
N ASP A 72 -17.34 -1.84 17.64
CA ASP A 72 -16.76 -2.30 16.38
C ASP A 72 -15.38 -2.89 16.65
N PRO A 73 -15.13 -4.18 16.33
CA PRO A 73 -16.05 -5.16 15.79
C PRO A 73 -17.17 -5.48 16.78
N PRO A 74 -18.28 -6.03 16.30
CA PRO A 74 -19.41 -6.32 17.20
C PRO A 74 -19.00 -7.16 18.39
N GLY A 75 -19.43 -6.73 19.59
CA GLY A 75 -19.16 -7.43 20.83
C GLY A 75 -20.39 -7.94 21.54
N THR A 76 -20.31 -8.05 22.87
CA THR A 76 -21.37 -8.57 23.71
C THR A 76 -22.32 -7.52 24.27
N GLY A 77 -21.96 -6.23 24.18
CA GLY A 77 -22.66 -5.22 24.96
C GLY A 77 -22.22 -5.12 26.40
N THR A 78 -21.17 -5.80 26.79
CA THR A 78 -20.74 -5.84 28.17
C THR A 78 -19.93 -4.59 28.51
N PRO A 79 -20.31 -3.87 29.57
CA PRO A 79 -19.46 -2.76 30.04
C PRO A 79 -18.18 -3.27 30.68
N TYR A 80 -17.08 -2.56 30.45
CA TYR A 80 -15.86 -2.86 31.18
C TYR A 80 -15.05 -1.58 31.36
N ASP A 81 -13.97 -1.69 32.16
CA ASP A 81 -13.23 -0.52 32.64
C ASP A 81 -11.82 -0.46 32.05
N ILE A 82 -11.46 0.71 31.51
CA ILE A 82 -10.11 0.96 31.01
C ILE A 82 -9.54 2.20 31.69
N ASP A 83 -8.24 2.17 31.96
CA ASP A 83 -7.54 3.37 32.40
C ASP A 83 -7.43 4.35 31.23
N PRO A 84 -7.63 5.65 31.45
CA PRO A 84 -7.63 6.60 30.33
C PRO A 84 -6.40 6.53 29.42
N THR A 85 -5.23 6.14 29.92
CA THR A 85 -4.07 5.96 29.05
C THR A 85 -4.24 4.82 28.04
N HIS A 86 -5.36 4.10 28.07
CA HIS A 86 -5.68 3.11 27.06
C HIS A 86 -6.85 3.52 26.19
N ALA A 87 -7.10 4.82 26.10
CA ALA A 87 -8.15 5.36 25.25
C ALA A 87 -7.52 6.39 24.31
N TRP A 88 -7.77 6.25 23.02
CA TRP A 88 -7.29 7.17 22.01
C TRP A 88 -8.49 7.82 21.35
N ASN A 89 -8.30 9.05 20.86
CA ASN A 89 -9.37 9.75 20.19
C ASN A 89 -9.71 9.08 18.86
N CYS A 90 -10.93 9.34 18.40
CA CYS A 90 -11.50 8.68 17.25
C CYS A 90 -11.86 9.74 16.21
N ASN A 91 -11.52 9.49 14.95
CA ASN A 91 -12.03 10.35 13.86
C ASN A 91 -13.38 9.79 13.45
N SER A 92 -14.38 10.07 14.27
CA SER A 92 -15.74 9.68 13.91
C SER A 92 -16.25 10.59 12.79
N GLN A 93 -17.11 10.02 11.94
CA GLN A 93 -17.81 10.82 10.93
C GLN A 93 -16.84 11.50 9.96
N VAL A 94 -16.00 10.69 9.33
CA VAL A 94 -15.04 11.21 8.35
C VAL A 94 -14.84 10.17 7.27
N ASP A 95 -14.91 10.62 6.02
CA ASP A 95 -14.76 9.72 4.88
C ASP A 95 -13.29 9.56 4.58
N PRO A 96 -12.73 8.36 4.73
CA PRO A 96 -11.30 8.23 4.47
C PRO A 96 -10.94 8.39 2.99
N MET A 97 -11.90 8.22 2.08
CA MET A 97 -11.60 8.36 0.67
C MET A 97 -11.67 9.79 0.16
N SER A 98 -11.95 10.75 1.04
CA SER A 98 -12.21 12.12 0.59
C SER A 98 -10.96 13.01 0.59
N PHE A 99 -9.80 12.47 0.89
CA PHE A 99 -8.54 13.21 0.81
C PHE A 99 -7.41 12.21 0.98
N GLY A 100 -6.22 12.61 0.55
CA GLY A 100 -5.17 11.64 0.37
C GLY A 100 -4.00 11.69 1.31
N ASP A 101 -3.89 12.67 2.20
CA ASP A 101 -2.78 12.74 3.13
C ASP A 101 -3.26 12.38 4.54
N ILE A 102 -2.52 11.51 5.21
CA ILE A 102 -2.88 11.13 6.55
C ILE A 102 -2.93 12.35 7.46
N GLY A 103 -2.19 13.40 7.12
CA GLY A 103 -2.07 14.53 8.01
C GLY A 103 -3.29 15.41 8.10
N LEU A 104 -4.26 15.23 7.21
CA LEU A 104 -5.48 16.04 7.22
C LEU A 104 -6.53 15.49 8.19
N LEU A 105 -6.31 14.36 8.85
CA LEU A 105 -7.19 13.87 9.90
C LEU A 105 -7.05 14.72 11.13
N ASN A 106 -8.15 14.90 11.88
CA ASN A 106 -8.06 15.71 13.09
C ASN A 106 -7.17 15.05 14.14
N HIS A 107 -7.31 13.75 14.30
CA HIS A 107 -6.47 12.95 15.17
C HIS A 107 -5.64 12.01 14.33
N THR A 108 -4.31 12.05 14.51
CA THR A 108 -3.41 11.18 13.76
C THR A 108 -2.70 10.20 14.67
N ASN A 109 -3.33 9.82 15.79
CA ASN A 109 -2.77 8.81 16.66
C ASN A 109 -2.71 7.47 15.91
N ILE A 110 -2.02 6.51 16.51
CA ILE A 110 -1.76 5.24 15.81
C ILE A 110 -3.03 4.50 15.41
N PRO A 111 -3.99 4.24 16.30
CA PRO A 111 -5.21 3.55 15.83
C PRO A 111 -5.98 4.33 14.77
N CYS A 112 -5.94 5.67 14.81
CA CYS A 112 -6.59 6.44 13.77
C CYS A 112 -5.91 6.27 12.42
N VAL A 113 -4.57 6.26 12.43
CA VAL A 113 -3.81 6.09 11.18
C VAL A 113 -4.07 4.72 10.58
N LEU A 114 -4.00 3.69 11.42
CA LEU A 114 -4.25 2.32 10.98
C LEU A 114 -5.63 2.21 10.33
N ASP A 115 -6.64 2.78 10.98
CA ASP A 115 -8.02 2.67 10.50
C ASP A 115 -8.22 3.43 9.19
N PHE A 116 -7.63 4.61 9.09
CA PHE A 116 -7.69 5.41 7.86
C PHE A 116 -7.11 4.63 6.68
N LEU A 117 -5.96 3.99 6.88
CA LEU A 117 -5.39 3.22 5.78
C LEU A 117 -6.18 1.97 5.52
N LYS A 118 -6.72 1.36 6.57
CA LYS A 118 -7.48 0.13 6.40
C LYS A 118 -8.68 0.36 5.52
N HIS A 119 -9.48 1.38 5.85
CA HIS A 119 -10.71 1.57 5.09
C HIS A 119 -10.44 2.06 3.67
N ARG A 120 -9.34 2.79 3.46
CA ARG A 120 -8.87 3.04 2.10
C ARG A 120 -8.43 1.73 1.41
N TYR A 121 -7.60 0.93 2.09
CA TYR A 121 -7.16 -0.37 1.54
C TYR A 121 -8.32 -1.24 1.12
N LEU A 122 -9.37 -1.29 1.94
CA LEU A 122 -10.52 -2.15 1.69
C LEU A 122 -11.41 -1.64 0.56
N LYS A 123 -11.33 -0.37 0.23
CA LYS A 123 -12.00 0.15 -0.94
C LYS A 123 -11.06 0.26 -2.15
N ASN A 124 -9.90 -0.39 -2.09
CA ASN A 124 -8.94 -0.52 -3.19
C ASN A 124 -8.25 0.79 -3.54
N GLN A 125 -8.07 1.65 -2.55
CA GLN A 125 -7.25 2.85 -2.67
C GLN A 125 -6.02 2.56 -1.82
N ILE A 126 -4.96 2.07 -2.46
CA ILE A 126 -3.80 1.58 -1.76
C ILE A 126 -2.71 2.61 -1.60
N TYR A 127 -2.86 3.81 -2.15
CA TYR A 127 -1.84 4.85 -2.07
C TYR A 127 -2.36 5.98 -1.21
N THR A 128 -1.55 6.39 -0.25
CA THR A 128 -1.88 7.44 0.70
C THR A 128 -0.59 8.20 0.97
N THR A 129 -0.65 9.51 1.07
CA THR A 129 0.57 10.24 1.32
C THR A 129 0.68 10.64 2.78
N ALA A 130 1.91 10.85 3.20
CA ALA A 130 2.29 11.40 4.47
C ALA A 130 3.50 12.27 4.14
N VAL A 131 3.24 13.41 3.49
CA VAL A 131 4.22 14.31 2.88
C VAL A 131 5.52 14.35 3.68
N PRO A 132 6.69 14.16 3.03
CA PRO A 132 6.84 13.89 1.60
C PRO A 132 6.74 12.41 1.17
N LEU A 133 6.49 11.50 2.10
CA LEU A 133 6.42 10.08 1.79
C LEU A 133 5.10 9.70 1.14
N ILE A 134 5.15 8.75 0.20
CA ILE A 134 3.98 8.10 -0.39
C ILE A 134 3.92 6.68 0.16
N VAL A 135 2.72 6.23 0.52
CA VAL A 135 2.52 4.92 1.14
C VAL A 135 1.73 4.05 0.16
N ALA A 136 2.22 2.84 -0.08
CA ALA A 136 1.64 1.95 -1.08
C ALA A 136 1.50 0.58 -0.46
N ILE A 137 0.26 0.11 -0.30
CA ILE A 137 -0.03 -1.16 0.32
C ILE A 137 -0.38 -2.15 -0.76
N ASN A 138 0.35 -3.24 -0.82
CA ASN A 138 0.14 -4.31 -1.77
C ASN A 138 -1.29 -4.86 -1.68
N PRO A 139 -2.11 -4.72 -2.72
CA PRO A 139 -3.43 -5.34 -2.69
C PRO A 139 -3.40 -6.84 -2.97
N TYR A 140 -2.29 -7.37 -3.47
CA TYR A 140 -2.16 -8.79 -3.79
C TYR A 140 -3.21 -9.24 -4.80
N LYS A 141 -3.50 -8.38 -5.77
CA LYS A 141 -4.39 -8.67 -6.89
C LYS A 141 -4.29 -7.51 -7.88
N ASP A 142 -4.74 -7.77 -9.09
CA ASP A 142 -4.80 -6.73 -10.12
C ASP A 142 -5.95 -5.80 -9.80
N LEU A 143 -5.65 -4.58 -9.37
CA LEU A 143 -6.69 -3.58 -9.18
C LEU A 143 -7.16 -3.00 -10.51
N GLY A 144 -6.35 -3.14 -11.56
CA GLY A 144 -6.72 -2.59 -12.85
C GLY A 144 -6.50 -1.10 -13.00
N ASN A 145 -5.79 -0.45 -12.08
CA ASN A 145 -5.57 0.99 -12.14
C ASN A 145 -4.17 1.37 -12.62
N THR A 146 -3.51 0.49 -13.38
CA THR A 146 -2.21 0.80 -13.97
C THR A 146 -2.14 0.51 -15.46
N THR A 147 -3.30 0.38 -16.11
CA THR A 147 -3.37 0.14 -17.53
C THR A 147 -2.94 1.37 -18.33
N ASN A 148 -2.75 1.18 -19.63
CA ASN A 148 -2.41 2.31 -20.49
C ASN A 148 -3.44 3.42 -20.39
N GLU A 149 -4.73 3.06 -20.28
CA GLU A 149 -5.77 4.07 -20.13
C GLU A 149 -5.54 4.90 -18.88
N TRP A 150 -5.14 4.24 -17.78
CA TRP A 150 -4.92 4.98 -16.55
C TRP A 150 -3.65 5.81 -16.60
N ILE A 151 -2.63 5.37 -17.34
CA ILE A 151 -1.44 6.19 -17.56
C ILE A 151 -1.82 7.47 -18.29
N ARG A 152 -2.55 7.34 -19.41
CA ARG A 152 -2.98 8.50 -20.18
C ARG A 152 -3.83 9.45 -19.33
N ARG A 153 -4.69 8.89 -18.50
CA ARG A 153 -5.53 9.72 -17.64
C ARG A 153 -4.70 10.53 -16.65
N TYR A 154 -3.72 9.90 -15.99
CA TYR A 154 -2.90 10.62 -15.01
C TYR A 154 -1.93 11.58 -15.70
N ARG A 155 -1.51 11.27 -16.91
CA ARG A 155 -0.60 12.17 -17.61
C ARG A 155 -1.34 13.36 -18.21
N ASP A 156 -2.54 13.14 -18.74
CA ASP A 156 -3.19 14.14 -19.56
C ASP A 156 -4.25 14.96 -18.85
N THR A 157 -4.62 14.62 -17.61
CA THR A 157 -5.53 15.46 -16.84
C THR A 157 -4.92 16.84 -16.59
N ALA A 158 -5.72 17.89 -16.81
CA ALA A 158 -5.24 19.26 -16.73
C ALA A 158 -4.58 19.57 -15.38
N ASP A 159 -5.32 19.45 -14.29
CA ASP A 159 -4.85 19.86 -12.96
C ASP A 159 -4.50 18.61 -12.16
N HIS A 160 -3.21 18.46 -11.84
CA HIS A 160 -2.68 17.28 -11.18
C HIS A 160 -3.40 16.93 -9.88
N THR A 161 -4.16 17.85 -9.28
CA THR A 161 -4.59 17.62 -7.92
C THR A 161 -5.99 17.04 -7.78
N LYS A 162 -6.78 16.89 -8.84
CA LYS A 162 -8.07 16.22 -8.65
C LYS A 162 -8.04 14.75 -9.07
N LEU A 163 -6.88 14.10 -8.93
CA LEU A 163 -6.84 12.65 -9.02
C LEU A 163 -6.32 12.07 -7.71
N PRO A 164 -6.77 10.89 -7.32
CA PRO A 164 -6.29 10.30 -6.05
C PRO A 164 -4.80 10.00 -6.13
N PRO A 165 -4.13 9.93 -4.98
CA PRO A 165 -2.72 9.52 -4.96
C PRO A 165 -2.50 8.21 -5.70
N HIS A 166 -1.34 8.10 -6.34
CA HIS A 166 -0.99 6.98 -7.21
C HIS A 166 0.52 7.04 -7.44
N VAL A 167 1.09 5.92 -7.89
CA VAL A 167 2.51 5.98 -8.24
C VAL A 167 2.70 6.90 -9.44
N PHE A 168 1.72 6.93 -10.36
CA PHE A 168 1.77 7.82 -11.51
C PHE A 168 1.80 9.29 -11.08
N THR A 169 1.12 9.62 -9.99
CA THR A 169 1.19 10.98 -9.46
C THR A 169 2.61 11.33 -9.07
N CYS A 170 3.34 10.36 -8.51
CA CYS A 170 4.73 10.60 -8.16
C CYS A 170 5.58 10.78 -9.41
N ALA A 171 5.42 9.87 -10.39
CA ALA A 171 6.15 10.00 -11.66
C ALA A 171 5.86 11.33 -12.31
N ARG A 172 4.58 11.69 -12.42
CA ARG A 172 4.22 12.96 -13.05
C ARG A 172 4.85 14.14 -12.33
N GLU A 173 4.90 14.11 -11.00
CA GLU A 173 5.42 15.26 -10.27
C GLU A 173 6.92 15.37 -10.47
N ALA A 174 7.63 14.24 -10.29
CA ALA A 174 9.07 14.18 -10.52
C ALA A 174 9.45 14.68 -11.92
N LEU A 175 8.78 14.19 -12.96
CA LEU A 175 9.10 14.66 -14.31
C LEU A 175 8.71 16.13 -14.52
N SER A 176 7.68 16.58 -13.82
CA SER A 176 7.29 17.98 -13.96
C SER A 176 8.31 18.89 -13.29
N ASN A 177 8.87 18.48 -12.16
CA ASN A 177 9.89 19.30 -11.52
C ASN A 177 11.20 19.26 -12.29
N LEU A 178 11.54 18.09 -12.81
CA LEU A 178 12.74 17.95 -13.62
C LEU A 178 12.71 18.93 -14.78
N HIS A 179 11.64 18.93 -15.56
CA HIS A 179 11.53 19.84 -16.70
C HIS A 179 11.12 21.25 -16.31
N GLY A 180 10.50 21.41 -15.15
CA GLY A 180 10.11 22.74 -14.73
C GLY A 180 11.27 23.57 -14.23
N VAL A 181 12.17 23.00 -13.44
CA VAL A 181 13.23 23.80 -12.87
C VAL A 181 14.62 23.27 -13.20
N ASN A 182 14.73 22.36 -14.18
CA ASN A 182 16.02 21.85 -14.64
C ASN A 182 16.78 21.18 -13.50
N LYS A 183 16.09 20.31 -12.78
CA LYS A 183 16.62 19.70 -11.56
C LYS A 183 16.44 18.19 -11.62
N SER A 184 17.51 17.45 -11.38
CA SER A 184 17.40 15.99 -11.34
C SER A 184 16.57 15.53 -10.15
N GLN A 185 15.92 14.39 -10.33
CA GLN A 185 15.03 13.79 -9.36
C GLN A 185 15.46 12.36 -9.14
N THR A 186 15.21 11.82 -7.93
CA THR A 186 15.35 10.39 -7.66
C THR A 186 14.08 9.87 -7.02
N ILE A 187 13.59 8.74 -7.51
CA ILE A 187 12.43 8.07 -6.94
C ILE A 187 12.97 6.83 -6.23
N ILE A 188 12.90 6.84 -4.89
CA ILE A 188 13.41 5.77 -4.03
C ILE A 188 12.24 4.88 -3.61
N VAL A 189 12.20 3.65 -4.10
CA VAL A 189 11.18 2.68 -3.75
C VAL A 189 11.78 1.74 -2.72
N SER A 190 11.19 1.65 -1.52
CA SER A 190 11.76 0.77 -0.50
C SER A 190 10.66 0.10 0.32
N GLY A 191 11.07 -0.89 1.10
CA GLY A 191 10.10 -1.72 1.80
C GLY A 191 10.58 -3.15 1.83
N GLU A 192 9.84 -4.04 2.44
CA GLU A 192 10.35 -5.39 2.62
C GLU A 192 9.83 -6.33 1.54
N SER A 193 10.39 -7.54 1.51
CA SER A 193 10.06 -8.51 0.48
C SER A 193 8.54 -8.72 0.42
N GLY A 194 7.99 -8.63 -0.79
CA GLY A 194 6.57 -8.82 -1.01
C GLY A 194 5.72 -7.58 -0.87
N ALA A 195 6.31 -6.41 -0.67
CA ALA A 195 5.51 -5.22 -0.44
C ALA A 195 5.07 -4.55 -1.73
N GLY A 196 5.44 -5.09 -2.89
CA GLY A 196 5.08 -4.48 -4.14
C GLY A 196 6.07 -3.51 -4.73
N LYS A 197 7.34 -3.54 -4.30
CA LYS A 197 8.33 -2.62 -4.84
C LYS A 197 8.55 -2.86 -6.34
N THR A 198 8.62 -4.12 -6.76
CA THR A 198 8.91 -4.43 -8.14
C THR A 198 7.80 -3.91 -9.05
N GLU A 199 6.54 -4.05 -8.63
N GLU A 199 6.55 -4.04 -8.63
CA GLU A 199 5.43 -3.56 -9.46
CA GLU A 199 5.44 -3.57 -9.46
C GLU A 199 5.40 -2.06 -9.50
C GLU A 199 5.39 -2.05 -9.51
N ALA A 200 5.61 -1.40 -8.36
CA ALA A 200 5.68 0.06 -8.37
C ALA A 200 6.73 0.57 -9.35
N THR A 201 7.95 -0.01 -9.29
CA THR A 201 9.04 0.39 -10.16
C THR A 201 8.66 0.18 -11.62
N LYS A 202 8.06 -0.95 -11.92
CA LYS A 202 7.69 -1.27 -13.28
C LYS A 202 6.56 -0.37 -13.75
N GLN A 203 5.66 0.01 -12.85
CA GLN A 203 4.56 0.87 -13.26
C GLN A 203 5.05 2.27 -13.59
N ILE A 204 6.04 2.74 -12.82
CA ILE A 204 6.58 4.08 -13.03
C ILE A 204 7.38 4.13 -14.32
N MET A 205 8.14 3.07 -14.61
CA MET A 205 8.86 2.99 -15.88
C MET A 205 7.91 3.02 -17.05
N ARG A 206 6.78 2.29 -16.94
CA ARG A 206 5.81 2.29 -18.03
C ARG A 206 5.17 3.65 -18.21
N TYR A 207 4.92 4.36 -17.12
CA TYR A 207 4.47 5.74 -17.22
C TYR A 207 5.49 6.58 -17.98
N PHE A 208 6.75 6.54 -17.54
CA PHE A 208 7.82 7.26 -18.23
C PHE A 208 7.91 6.86 -19.69
N ALA A 209 7.65 5.60 -20.02
CA ALA A 209 7.79 5.20 -21.42
C ALA A 209 6.57 5.55 -22.27
N SER A 210 5.51 6.11 -21.71
CA SER A 210 4.34 6.48 -22.50
C SER A 210 4.44 7.91 -22.98
N SER A 211 4.50 8.12 -24.28
CA SER A 211 4.70 9.45 -24.83
C SER A 211 3.46 9.95 -25.54
N LYS A 212 3.15 11.24 -25.34
CA LYS A 212 1.99 11.86 -25.98
C LYS A 212 1.93 11.55 -27.46
N SER A 213 3.06 11.63 -28.15
CA SER A 213 3.08 11.37 -29.58
C SER A 213 4.43 10.89 -30.08
N GLY A 214 4.83 9.71 -29.70
CA GLY A 214 5.98 9.14 -30.35
C GLY A 214 7.26 9.35 -29.57
N ASN A 215 8.17 8.41 -29.74
CA ASN A 215 9.53 8.47 -29.20
C ASN A 215 10.45 8.01 -30.32
N MET A 216 11.17 8.94 -30.96
CA MET A 216 12.10 8.51 -32.00
C MET A 216 13.26 7.68 -31.45
N ASP A 217 13.55 7.77 -30.15
CA ASP A 217 14.53 6.91 -29.51
C ASP A 217 13.91 5.62 -28.99
N LEU A 218 12.88 5.11 -29.69
CA LEU A 218 12.22 3.88 -29.29
C LEU A 218 13.20 2.71 -29.15
N ARG A 219 14.24 2.69 -29.99
CA ARG A 219 15.22 1.60 -29.92
C ARG A 219 15.84 1.52 -28.53
N ILE A 220 16.07 2.67 -27.90
CA ILE A 220 16.76 2.68 -26.61
C ILE A 220 15.78 2.43 -25.47
N GLN A 221 14.56 2.93 -25.59
CA GLN A 221 13.54 2.67 -24.57
C GLN A 221 13.19 1.19 -24.52
N THR A 222 13.13 0.56 -25.70
CA THR A 222 12.87 -0.87 -25.76
C THR A 222 13.95 -1.67 -25.05
N ALA A 223 15.21 -1.34 -25.27
CA ALA A 223 16.30 -1.99 -24.54
C ALA A 223 16.15 -1.79 -23.05
N ILE A 224 15.71 -0.60 -22.63
CA ILE A 224 15.57 -0.32 -21.21
C ILE A 224 14.38 -1.07 -20.64
N MET A 225 13.27 -1.10 -21.37
CA MET A 225 12.13 -1.83 -20.87
C MET A 225 12.37 -3.34 -20.91
N ALA A 226 13.25 -3.80 -21.82
CA ALA A 226 13.61 -5.20 -21.87
C ALA A 226 14.52 -5.60 -20.71
N ALA A 227 15.14 -4.63 -20.02
CA ALA A 227 15.96 -4.98 -18.87
C ALA A 227 15.15 -5.63 -17.76
N ASN A 228 13.84 -5.31 -17.62
CA ASN A 228 13.05 -5.90 -16.53
C ASN A 228 13.01 -7.43 -16.58
N PRO A 229 12.55 -8.08 -17.67
CA PRO A 229 12.61 -9.56 -17.69
C PRO A 229 14.00 -10.12 -17.51
N VAL A 230 15.01 -9.48 -18.10
CA VAL A 230 16.37 -10.01 -18.01
C VAL A 230 16.90 -9.87 -16.60
N LEU A 231 16.77 -8.68 -16.01
CA LEU A 231 17.20 -8.45 -14.63
C LEU A 231 16.47 -9.37 -13.65
N GLU A 232 15.22 -9.69 -13.91
CA GLU A 232 14.51 -10.59 -12.99
C GLU A 232 14.97 -12.03 -13.16
N ALA A 233 15.18 -12.49 -14.40
CA ALA A 233 15.65 -13.86 -14.59
C ALA A 233 16.98 -14.09 -13.89
N PHE A 234 17.90 -13.14 -13.99
CA PHE A 234 19.25 -13.33 -13.47
C PHE A 234 19.38 -12.91 -12.03
N GLY A 235 18.44 -12.10 -11.51
CA GLY A 235 18.62 -11.51 -10.20
C GLY A 235 17.49 -11.74 -9.20
N ASN A 236 16.42 -12.41 -9.64
CA ASN A 236 15.24 -12.61 -8.82
C ASN A 236 15.11 -14.09 -8.58
N ALA A 237 14.55 -14.46 -7.42
CA ALA A 237 14.36 -15.85 -7.05
C ALA A 237 13.09 -16.02 -6.25
N LYS A 238 12.59 -17.24 -6.23
CA LYS A 238 11.44 -17.60 -5.41
C LYS A 238 11.94 -17.92 -4.00
N THR A 239 11.54 -17.10 -3.03
CA THR A 239 11.84 -17.37 -1.62
C THR A 239 10.58 -17.92 -0.96
N ILE A 240 10.65 -18.14 0.36
CA ILE A 240 9.47 -18.61 1.10
C ILE A 240 8.37 -17.58 1.08
N ARG A 241 8.72 -16.31 1.09
CA ARG A 241 7.73 -15.26 1.27
C ARG A 241 7.46 -14.46 -0.01
N ASN A 242 8.11 -14.80 -1.12
CA ASN A 242 7.98 -14.00 -2.34
C ASN A 242 8.30 -14.90 -3.54
N ASN A 243 7.36 -15.05 -4.47
CA ASN A 243 7.68 -15.87 -5.64
C ASN A 243 8.63 -15.19 -6.61
N ASN A 244 8.88 -13.88 -6.44
CA ASN A 244 9.73 -13.09 -7.32
C ASN A 244 10.52 -12.04 -6.53
N SER A 245 11.38 -12.48 -5.60
CA SER A 245 12.13 -11.56 -4.75
C SER A 245 13.39 -11.09 -5.46
N SER A 246 13.59 -9.76 -5.53
CA SER A 246 14.83 -9.20 -6.04
C SER A 246 15.95 -9.39 -5.04
N ARG A 247 17.02 -10.05 -5.47
CA ARG A 247 18.18 -10.38 -4.64
C ARG A 247 19.39 -9.51 -4.95
N PHE A 248 19.16 -8.30 -5.43
CA PHE A 248 20.19 -7.30 -5.70
C PHE A 248 19.53 -5.94 -5.55
N GLY A 249 20.34 -4.91 -5.31
CA GLY A 249 19.84 -3.55 -5.31
C GLY A 249 19.94 -2.97 -6.71
N ARG A 250 18.93 -2.20 -7.09
CA ARG A 250 18.84 -1.71 -8.45
C ARG A 250 18.76 -0.20 -8.43
N PHE A 251 19.60 0.44 -9.22
CA PHE A 251 19.57 1.88 -9.42
C PHE A 251 19.57 2.16 -10.92
N MET A 252 18.68 3.06 -11.36
CA MET A 252 18.62 3.44 -12.76
C MET A 252 18.63 4.95 -12.89
N GLN A 253 19.27 5.44 -13.94
CA GLN A 253 19.19 6.83 -14.34
C GLN A 253 18.52 6.87 -15.70
N LEU A 254 17.57 7.78 -15.88
CA LEU A 254 16.79 7.86 -17.10
C LEU A 254 16.75 9.30 -17.59
N VAL A 255 16.69 9.45 -18.91
CA VAL A 255 16.44 10.73 -19.57
C VAL A 255 15.12 10.60 -20.31
N ILE A 256 14.16 11.47 -19.97
CA ILE A 256 12.76 11.30 -20.35
C ILE A 256 12.25 12.62 -20.92
N SER A 257 11.71 12.58 -22.12
CA SER A 257 11.11 13.76 -22.71
C SER A 257 9.96 14.29 -21.87
N HIS A 258 9.70 15.59 -21.95
CA HIS A 258 8.65 16.16 -21.11
C HIS A 258 7.28 15.62 -21.46
N GLU A 259 7.08 15.06 -22.65
CA GLU A 259 5.80 14.48 -22.99
C GLU A 259 5.82 12.95 -22.94
N GLY A 260 6.78 12.38 -22.24
CA GLY A 260 6.98 10.95 -22.10
C GLY A 260 7.92 10.40 -23.16
N GLY A 261 8.56 9.30 -22.82
CA GLY A 261 9.44 8.66 -23.77
C GLY A 261 10.85 8.65 -23.23
N ILE A 262 11.43 7.47 -23.10
CA ILE A 262 12.76 7.34 -22.54
C ILE A 262 13.76 7.48 -23.67
N ARG A 263 14.71 8.42 -23.52
CA ARG A 263 15.72 8.66 -24.54
C ARG A 263 17.08 8.06 -24.19
N TYR A 264 17.43 7.99 -22.90
CA TYR A 264 18.70 7.40 -22.49
C TYR A 264 18.50 6.71 -21.15
N GLY A 265 19.44 5.84 -20.81
CA GLY A 265 19.34 5.20 -19.52
C GLY A 265 20.68 4.70 -19.06
N SER A 266 20.66 4.15 -17.85
CA SER A 266 21.79 3.53 -17.20
C SER A 266 21.22 2.64 -16.12
N VAL A 267 21.84 1.49 -15.90
CA VAL A 267 21.39 0.51 -14.91
C VAL A 267 22.56 0.09 -14.03
N VAL A 268 22.31 -0.02 -12.74
CA VAL A 268 23.34 -0.37 -11.77
C VAL A 268 22.76 -1.41 -10.84
N ALA A 269 23.50 -2.50 -10.63
CA ALA A 269 23.03 -3.57 -9.76
C ALA A 269 24.12 -3.86 -8.75
N PHE A 270 23.79 -3.86 -7.46
CA PHE A 270 24.79 -4.09 -6.42
C PHE A 270 24.33 -5.15 -5.41
N LEU A 271 25.30 -5.78 -4.75
CA LEU A 271 25.09 -6.79 -3.70
C LEU A 271 24.16 -7.92 -4.18
N LEU A 272 24.56 -8.57 -5.27
CA LEU A 272 23.84 -9.78 -5.68
C LEU A 272 24.08 -10.86 -4.64
N GLU A 273 23.02 -11.59 -4.30
CA GLU A 273 23.08 -12.68 -3.33
C GLU A 273 23.73 -13.89 -4.00
N LYS A 274 25.06 -13.87 -4.06
CA LYS A 274 25.80 -14.96 -4.72
C LYS A 274 25.56 -16.30 -4.03
N SER A 275 25.40 -16.30 -2.70
CA SER A 275 25.29 -17.55 -1.97
C SER A 275 24.12 -18.40 -2.49
N ARG A 276 23.09 -17.76 -3.03
CA ARG A 276 21.92 -18.45 -3.56
C ARG A 276 22.27 -19.31 -4.77
N ILE A 277 23.36 -19.00 -5.46
CA ILE A 277 23.80 -19.81 -6.60
C ILE A 277 24.20 -21.21 -6.16
N ILE A 278 24.69 -21.37 -4.93
CA ILE A 278 25.23 -22.64 -4.47
C ILE A 278 24.19 -23.45 -3.69
N THR A 279 23.48 -22.83 -2.75
CA THR A 279 22.48 -23.56 -1.97
C THR A 279 21.21 -22.73 -1.81
N GLN A 280 20.09 -23.42 -1.65
CA GLN A 280 18.81 -22.78 -1.38
C GLN A 280 18.11 -23.54 -0.27
N ASP A 281 17.37 -22.83 0.58
CA ASP A 281 16.56 -23.48 1.60
C ASP A 281 15.50 -24.36 0.95
N ASP A 282 14.84 -25.18 1.76
CA ASP A 282 13.72 -25.94 1.21
C ASP A 282 12.58 -25.00 0.87
N ASN A 283 11.84 -25.35 -0.17
CA ASN A 283 10.82 -24.47 -0.74
C ASN A 283 11.37 -23.10 -1.15
N GLU A 284 12.64 -23.03 -1.54
CA GLU A 284 13.21 -21.86 -2.21
C GLU A 284 13.91 -22.33 -3.47
N ARG A 285 13.92 -21.48 -4.50
CA ARG A 285 14.67 -21.78 -5.71
C ARG A 285 15.93 -20.93 -5.81
N SER A 286 16.76 -21.27 -6.79
CA SER A 286 17.84 -20.39 -7.22
C SER A 286 17.27 -19.30 -8.11
N TYR A 287 18.13 -18.57 -8.84
CA TYR A 287 17.65 -17.53 -9.74
C TYR A 287 16.82 -18.13 -10.87
N HIS A 288 15.78 -17.38 -11.26
CA HIS A 288 14.81 -17.88 -12.24
C HIS A 288 15.47 -18.43 -13.50
N ILE A 289 16.53 -17.77 -13.98
CA ILE A 289 17.13 -18.09 -15.28
C ILE A 289 17.49 -19.56 -15.37
N PHE A 290 17.95 -20.15 -14.27
CA PHE A 290 18.32 -21.57 -14.27
C PHE A 290 17.14 -22.47 -14.63
N TYR A 291 15.97 -22.20 -14.07
CA TYR A 291 14.80 -23.03 -14.33
C TYR A 291 14.20 -22.70 -15.68
N GLN A 292 14.15 -21.40 -16.00
CA GLN A 292 13.74 -20.94 -17.32
C GLN A 292 14.53 -21.63 -18.42
N PHE A 293 15.85 -21.72 -18.24
CA PHE A 293 16.77 -22.29 -19.23
C PHE A 293 16.63 -23.80 -19.38
N LEU A 294 16.65 -24.53 -18.25
CA LEU A 294 16.57 -26.00 -18.34
C LEU A 294 15.20 -26.45 -18.82
N LYS A 295 14.12 -25.81 -18.36
CA LYS A 295 12.78 -26.19 -18.80
C LYS A 295 12.45 -25.66 -20.20
N GLY A 296 12.97 -24.50 -20.56
CA GLY A 296 12.61 -23.85 -21.81
C GLY A 296 13.49 -24.08 -23.03
N ALA A 297 14.72 -24.55 -22.83
CA ALA A 297 15.62 -24.68 -23.96
C ALA A 297 15.12 -25.76 -24.91
N ASN A 298 15.16 -25.49 -26.22
CA ASN A 298 14.70 -26.48 -27.19
C ASN A 298 15.68 -27.65 -27.24
N SER A 299 15.31 -28.69 -28.00
CA SER A 299 16.11 -29.92 -27.99
C SER A 299 17.51 -29.67 -28.53
N THR A 300 17.63 -28.82 -29.54
CA THR A 300 18.94 -28.48 -30.08
C THR A 300 19.81 -27.78 -29.04
N MET A 301 19.22 -26.84 -28.30
CA MET A 301 19.95 -26.20 -27.22
C MET A 301 20.32 -27.21 -26.13
N LYS A 302 19.42 -28.14 -25.82
CA LYS A 302 19.74 -29.20 -24.86
C LYS A 302 20.91 -30.05 -25.35
N SER A 303 20.84 -30.52 -26.60
CA SER A 303 21.96 -31.26 -27.19
C SER A 303 23.26 -30.48 -27.09
N LYS A 304 23.24 -29.24 -27.58
CA LYS A 304 24.42 -28.37 -27.61
C LYS A 304 25.16 -28.37 -26.29
N PHE A 305 24.49 -27.92 -25.24
CA PHE A 305 25.12 -27.77 -23.94
C PHE A 305 25.02 -29.02 -23.06
N GLY A 306 24.45 -30.11 -23.58
CA GLY A 306 24.27 -31.33 -22.81
C GLY A 306 23.50 -31.12 -21.53
N LEU A 307 22.37 -30.42 -21.60
CA LEU A 307 21.59 -30.07 -20.42
C LEU A 307 20.75 -31.25 -19.90
N LYS A 308 20.73 -31.41 -18.57
CA LYS A 308 19.90 -32.39 -17.91
C LYS A 308 18.66 -31.70 -17.33
N GLY A 309 17.89 -32.42 -16.51
CA GLY A 309 16.65 -31.86 -16.00
C GLY A 309 16.85 -30.97 -14.77
N VAL A 310 15.83 -30.15 -14.49
CA VAL A 310 15.91 -29.21 -13.36
C VAL A 310 16.20 -29.95 -12.07
N THR A 311 15.77 -31.22 -11.97
CA THR A 311 15.97 -32.02 -10.79
C THR A 311 17.31 -32.72 -10.77
N GLU A 312 18.13 -32.54 -11.80
CA GLU A 312 19.33 -33.34 -11.97
C GLU A 312 20.60 -32.53 -11.76
N TYR A 313 20.53 -31.43 -11.00
CA TYR A 313 21.64 -30.51 -10.79
C TYR A 313 21.90 -30.28 -9.31
N LYS A 314 23.19 -30.40 -8.93
CA LYS A 314 23.63 -30.19 -7.56
C LYS A 314 23.33 -28.78 -7.08
N LEU A 315 23.42 -27.77 -7.96
CA LEU A 315 23.21 -26.37 -7.55
C LEU A 315 21.74 -26.00 -7.42
N LEU A 316 20.84 -26.80 -7.93
CA LEU A 316 19.41 -26.49 -7.90
C LEU A 316 18.71 -27.49 -7.00
N ASN A 317 17.97 -26.97 -6.01
CA ASN A 317 17.19 -27.74 -5.04
C ASN A 317 16.17 -28.57 -5.80
N PRO A 318 16.30 -29.89 -5.78
CA PRO A 318 15.40 -30.72 -6.61
C PRO A 318 13.96 -30.74 -6.12
N ASN A 319 13.69 -30.45 -4.85
CA ASN A 319 12.31 -30.49 -4.37
C ASN A 319 11.54 -29.21 -4.61
N SER A 320 12.13 -28.15 -5.15
CA SER A 320 11.38 -26.90 -5.22
C SER A 320 11.42 -26.26 -6.61
N THR A 321 11.64 -27.07 -7.66
CA THR A 321 11.91 -26.55 -8.99
C THR A 321 10.68 -25.95 -9.68
N GLU A 322 9.48 -26.23 -9.18
CA GLU A 322 8.26 -25.73 -9.80
C GLU A 322 7.55 -24.78 -8.83
N VAL A 323 7.17 -23.60 -9.33
CA VAL A 323 6.52 -22.56 -8.54
C VAL A 323 5.09 -22.40 -9.03
N SER A 324 4.14 -22.39 -8.09
CA SER A 324 2.74 -22.17 -8.44
C SER A 324 2.58 -20.82 -9.12
N GLY A 325 1.95 -20.82 -10.29
CA GLY A 325 1.66 -19.57 -10.97
C GLY A 325 2.80 -18.97 -11.76
N VAL A 326 3.86 -19.71 -12.02
CA VAL A 326 5.00 -19.22 -12.79
C VAL A 326 5.28 -20.19 -13.94
N ASP A 327 5.22 -19.68 -15.17
CA ASP A 327 5.46 -20.50 -16.36
C ASP A 327 6.90 -20.24 -16.81
N ASP A 328 7.82 -21.05 -16.30
CA ASP A 328 9.23 -20.76 -16.56
C ASP A 328 9.54 -20.85 -18.06
N VAL A 329 8.82 -21.70 -18.78
CA VAL A 329 9.07 -21.84 -20.22
C VAL A 329 8.65 -20.57 -20.96
N LYS A 330 7.45 -20.05 -20.67
CA LYS A 330 7.02 -18.82 -21.29
C LYS A 330 7.92 -17.65 -20.93
N ASP A 331 8.50 -17.68 -19.71
CA ASP A 331 9.42 -16.61 -19.28
C ASP A 331 10.75 -16.71 -20.01
N PHE A 332 11.16 -17.91 -20.40
CA PHE A 332 12.38 -18.03 -21.18
C PHE A 332 12.19 -17.44 -22.59
N GLU A 333 11.03 -17.71 -23.22
CA GLU A 333 10.72 -17.08 -24.50
C GLU A 333 10.82 -15.57 -24.39
N GLU A 334 10.35 -15.01 -23.27
CA GLU A 334 10.37 -13.56 -23.12
C GLU A 334 11.78 -13.04 -22.86
N VAL A 335 12.58 -13.82 -22.12
CA VAL A 335 13.95 -13.41 -21.80
C VAL A 335 14.81 -13.43 -23.06
N ILE A 336 14.60 -14.43 -23.92
CA ILE A 336 15.32 -14.49 -25.19
C ILE A 336 14.96 -13.28 -26.05
N GLU A 337 13.68 -12.90 -26.08
CA GLU A 337 13.29 -11.73 -26.87
C GLU A 337 13.86 -10.45 -26.26
N SER A 338 13.88 -10.37 -24.93
CA SER A 338 14.42 -9.17 -24.30
C SER A 338 15.92 -9.06 -24.49
N LEU A 339 16.63 -10.19 -24.55
CA LEU A 339 18.06 -10.13 -24.78
C LEU A 339 18.35 -9.63 -26.19
N LYS A 340 17.55 -10.06 -27.17
CA LYS A 340 17.64 -9.53 -28.53
C LYS A 340 17.32 -8.05 -28.56
N ASN A 341 16.33 -7.62 -27.76
CA ASN A 341 15.97 -6.21 -27.72
C ASN A 341 17.02 -5.38 -27.00
N MET A 342 17.89 -6.00 -26.20
CA MET A 342 19.05 -5.28 -25.68
C MET A 342 20.22 -5.27 -26.65
N GLU A 343 19.96 -5.61 -27.92
CA GLU A 343 20.94 -5.54 -28.99
C GLU A 343 22.13 -6.48 -28.76
N LEU A 344 21.86 -7.62 -28.12
CA LEU A 344 22.79 -8.74 -28.10
C LEU A 344 22.57 -9.61 -29.33
N SER A 345 23.65 -10.03 -29.96
CA SER A 345 23.58 -10.86 -31.17
C SER A 345 23.17 -12.29 -30.81
N GLU A 346 22.88 -13.08 -31.85
CA GLU A 346 22.57 -14.49 -31.62
C GLU A 346 23.76 -15.21 -31.00
N SER A 347 24.97 -14.82 -31.36
CA SER A 347 26.16 -15.46 -30.80
C SER A 347 26.51 -14.92 -29.43
N ASP A 348 26.18 -13.64 -29.12
CA ASP A 348 26.29 -13.15 -27.74
C ASP A 348 25.40 -13.99 -26.81
N ILE A 349 24.20 -14.31 -27.28
CA ILE A 349 23.22 -15.00 -26.46
C ILE A 349 23.63 -16.45 -26.25
N GLU A 350 24.21 -17.08 -27.28
CA GLU A 350 24.70 -18.43 -27.12
C GLU A 350 25.85 -18.48 -26.14
N VAL A 351 26.73 -17.49 -26.15
CA VAL A 351 27.80 -17.44 -25.16
C VAL A 351 27.21 -17.34 -23.75
N ILE A 352 26.21 -16.47 -23.57
CA ILE A 352 25.61 -16.26 -22.27
C ILE A 352 25.08 -17.57 -21.71
N PHE A 353 24.42 -18.35 -22.54
CA PHE A 353 23.84 -19.58 -22.05
C PHE A 353 24.84 -20.73 -22.01
N SER A 354 25.88 -20.70 -22.84
CA SER A 354 27.00 -21.59 -22.63
C SER A 354 27.53 -21.45 -21.22
N ILE A 355 27.74 -20.20 -20.77
CA ILE A 355 28.33 -19.98 -19.45
C ILE A 355 27.41 -20.47 -18.35
N VAL A 356 26.11 -20.20 -18.48
CA VAL A 356 25.14 -20.72 -17.51
C VAL A 356 25.18 -22.25 -17.48
N ALA A 357 25.17 -22.87 -18.66
CA ALA A 357 25.28 -24.32 -18.72
C ALA A 357 26.57 -24.81 -18.08
N GLY A 358 27.64 -24.03 -18.19
CA GLY A 358 28.90 -24.45 -17.61
C GLY A 358 28.92 -24.30 -16.10
N ILE A 359 28.30 -23.24 -15.59
CA ILE A 359 28.15 -23.11 -14.14
C ILE A 359 27.37 -24.30 -13.58
N LEU A 360 26.22 -24.60 -14.15
CA LEU A 360 25.44 -25.75 -13.71
C LEU A 360 26.24 -27.05 -13.83
N THR A 361 26.97 -27.22 -14.93
CA THR A 361 27.72 -28.44 -15.09
C THR A 361 28.87 -28.54 -14.09
N LEU A 362 29.51 -27.41 -13.79
CA LEU A 362 30.57 -27.42 -12.78
C LEU A 362 30.04 -27.84 -11.42
N GLY A 363 28.81 -27.47 -11.09
CA GLY A 363 28.22 -27.89 -9.84
C GLY A 363 28.04 -29.38 -9.73
N ASN A 364 27.98 -30.09 -10.84
CA ASN A 364 27.82 -31.53 -10.80
C ASN A 364 29.13 -32.27 -10.63
N VAL A 365 30.26 -31.57 -10.74
CA VAL A 365 31.56 -32.22 -10.58
C VAL A 365 31.79 -32.56 -9.12
N ARG A 366 32.05 -33.83 -8.83
CA ARG A 366 32.28 -34.30 -7.48
C ARG A 366 33.78 -34.40 -7.20
N LEU A 367 34.18 -33.96 -6.00
CA LEU A 367 35.56 -34.07 -5.54
C LEU A 367 35.67 -35.17 -4.50
N ILE A 368 36.87 -35.73 -4.37
CA ILE A 368 37.14 -36.77 -3.38
C ILE A 368 38.46 -36.48 -2.67
N GLU A 369 38.65 -37.15 -1.53
CA GLU A 369 39.90 -37.09 -0.77
C GLU A 369 40.81 -38.20 -1.24
N LYS A 370 41.97 -37.83 -1.81
CA LYS A 370 42.88 -38.80 -2.38
C LYS A 370 44.17 -38.86 -1.59
N ALA A 378 44.68 -34.63 0.45
CA ALA A 378 44.64 -34.03 -0.87
C ALA A 378 43.27 -34.25 -1.53
N ALA A 379 42.97 -33.43 -2.53
CA ALA A 379 41.70 -33.50 -3.25
C ALA A 379 41.94 -33.92 -4.69
N ALA A 380 40.89 -34.45 -5.30
CA ALA A 380 40.93 -34.88 -6.69
C ALA A 380 39.51 -34.87 -7.24
N ILE A 381 39.40 -34.76 -8.56
CA ILE A 381 38.12 -34.93 -9.25
C ILE A 381 37.86 -36.42 -9.44
N MET A 382 36.61 -36.86 -9.21
CA MET A 382 36.30 -38.26 -9.48
C MET A 382 36.46 -38.55 -10.96
N ASP A 383 37.04 -39.72 -11.28
CA ASP A 383 37.32 -40.07 -12.66
C ASP A 383 36.05 -40.12 -13.50
N GLU A 384 34.94 -40.53 -12.90
CA GLU A 384 33.65 -40.54 -13.58
C GLU A 384 33.22 -39.14 -13.99
N ASP A 385 33.77 -38.11 -13.35
CA ASP A 385 33.41 -36.73 -13.61
C ASP A 385 34.52 -35.94 -14.31
N MET A 386 35.57 -36.63 -14.75
CA MET A 386 36.60 -35.96 -15.55
C MET A 386 36.05 -35.40 -16.86
N GLY A 387 35.08 -36.07 -17.47
CA GLY A 387 34.47 -35.55 -18.67
C GLY A 387 33.51 -34.42 -18.36
N VAL A 388 32.76 -34.56 -17.27
CA VAL A 388 31.83 -33.52 -16.85
C VAL A 388 32.59 -32.24 -16.52
N PHE A 389 33.71 -32.36 -15.82
CA PHE A 389 34.54 -31.19 -15.54
C PHE A 389 35.03 -30.56 -16.83
N ASN A 390 35.50 -31.39 -17.78
CA ASN A 390 36.01 -30.87 -19.04
C ASN A 390 34.92 -30.14 -19.82
N LYS A 391 33.73 -30.72 -19.90
CA LYS A 391 32.64 -30.08 -20.63
C LYS A 391 32.24 -28.77 -19.98
N ALA A 392 32.21 -28.72 -18.64
CA ALA A 392 31.86 -27.48 -17.94
C ALA A 392 32.85 -26.36 -18.26
N CYS A 393 34.14 -26.68 -18.40
CA CYS A 393 35.13 -25.65 -18.70
C CYS A 393 35.04 -25.22 -20.17
N GLU A 394 34.79 -26.17 -21.07
CA GLU A 394 34.54 -25.81 -22.46
C GLU A 394 33.31 -24.91 -22.58
N LEU A 395 32.28 -25.19 -21.79
CA LEU A 395 31.07 -24.37 -21.84
C LEU A 395 31.33 -22.95 -21.35
N MET A 396 32.30 -22.76 -20.45
CA MET A 396 32.66 -21.45 -19.95
C MET A 396 33.88 -20.88 -20.64
N TYR A 397 34.39 -21.56 -21.68
CA TYR A 397 35.53 -21.10 -22.47
C TYR A 397 36.76 -20.87 -21.61
N LEU A 398 37.03 -21.79 -20.70
CA LEU A 398 38.17 -21.72 -19.81
C LEU A 398 39.10 -22.88 -20.10
N ASP A 399 40.36 -22.74 -19.67
CA ASP A 399 41.38 -23.77 -19.88
C ASP A 399 41.14 -24.87 -18.84
N PRO A 400 40.71 -26.06 -19.24
CA PRO A 400 40.37 -27.07 -18.22
C PRO A 400 41.57 -27.53 -17.43
N GLU A 401 42.76 -27.61 -18.03
CA GLU A 401 43.94 -28.01 -17.28
C GLU A 401 44.29 -26.96 -16.25
N LEU A 402 44.30 -25.69 -16.66
CA LEU A 402 44.69 -24.61 -15.75
C LEU A 402 43.64 -24.40 -14.67
N ILE A 403 42.35 -24.51 -15.01
CA ILE A 403 41.31 -24.43 -13.98
C ILE A 403 41.51 -25.54 -12.96
N LYS A 404 41.83 -26.75 -13.43
CA LYS A 404 42.11 -27.87 -12.55
C LYS A 404 43.25 -27.53 -11.59
N ARG A 405 44.36 -27.01 -12.13
CA ARG A 405 45.53 -26.75 -11.30
C ARG A 405 45.21 -25.77 -10.18
N GLU A 406 44.45 -24.71 -10.47
CA GLU A 406 44.13 -23.75 -9.42
C GLU A 406 43.14 -24.31 -8.41
N ILE A 407 42.38 -25.34 -8.74
CA ILE A 407 41.40 -25.86 -7.80
C ILE A 407 42.03 -26.91 -6.88
N LEU A 408 42.99 -27.68 -7.38
CA LEU A 408 43.59 -28.76 -6.61
C LEU A 408 44.99 -28.46 -6.10
N ILE A 409 45.73 -27.53 -6.72
CA ILE A 409 47.11 -27.23 -6.32
C ILE A 409 47.13 -25.91 -5.55
N LYS A 410 47.78 -25.93 -4.40
CA LYS A 410 47.84 -24.83 -3.45
C LYS A 410 49.25 -24.27 -3.45
N VAL A 411 49.39 -22.96 -3.35
CA VAL A 411 50.71 -22.34 -3.27
C VAL A 411 50.73 -21.46 -2.02
N THR A 412 51.41 -21.91 -0.97
CA THR A 412 51.54 -21.13 0.24
C THR A 412 52.89 -20.44 0.25
N VAL A 413 52.99 -19.38 1.05
CA VAL A 413 54.23 -18.64 1.23
C VAL A 413 54.69 -18.90 2.66
N ALA A 414 55.70 -19.74 2.83
CA ALA A 414 56.20 -20.10 4.15
C ALA A 414 57.58 -19.48 4.32
N GLY A 415 57.76 -18.72 5.40
CA GLY A 415 58.92 -17.84 5.43
C GLY A 415 58.75 -16.85 4.30
N GLY A 416 59.67 -16.89 3.34
CA GLY A 416 59.50 -16.11 2.13
C GLY A 416 59.71 -16.93 0.88
N THR A 417 59.25 -18.17 0.87
CA THR A 417 59.40 -19.07 -0.26
C THR A 417 58.04 -19.64 -0.63
N LYS A 418 57.80 -19.76 -1.93
CA LYS A 418 56.57 -20.38 -2.42
C LYS A 418 56.72 -21.88 -2.35
N ILE A 419 55.67 -22.55 -1.87
CA ILE A 419 55.69 -23.99 -1.71
C ILE A 419 54.44 -24.56 -2.35
N GLU A 420 54.62 -25.48 -3.28
CA GLU A 420 53.51 -26.12 -3.95
C GLU A 420 52.99 -27.25 -3.07
N GLY A 421 51.70 -27.18 -2.72
CA GLY A 421 51.04 -28.23 -1.97
C GLY A 421 49.71 -28.59 -2.57
N ARG A 422 48.78 -29.11 -1.77
CA ARG A 422 47.49 -29.59 -2.27
C ARG A 422 46.38 -29.01 -1.42
N TRP A 423 45.33 -28.52 -2.06
CA TRP A 423 44.10 -28.23 -1.35
C TRP A 423 43.45 -29.54 -0.94
N ASN A 424 42.85 -29.57 0.26
CA ASN A 424 42.07 -30.74 0.63
C ASN A 424 40.69 -30.66 -0.01
N LYS A 425 39.86 -31.68 0.23
CA LYS A 425 38.59 -31.76 -0.47
C LYS A 425 37.69 -30.58 -0.13
N ASN A 426 37.60 -30.19 1.15
CA ASN A 426 36.75 -29.07 1.53
C ASN A 426 37.24 -27.76 0.92
N ASP A 427 38.51 -27.46 1.06
CA ASP A 427 39.03 -26.22 0.51
C ASP A 427 38.90 -26.21 -1.02
N ALA A 428 39.09 -27.36 -1.67
CA ALA A 428 38.90 -27.43 -3.11
C ALA A 428 37.43 -27.27 -3.50
N GLU A 429 36.50 -27.74 -2.66
CA GLU A 429 35.09 -27.47 -2.93
C GLU A 429 34.75 -26.00 -2.77
N VAL A 430 35.39 -25.31 -1.82
CA VAL A 430 35.17 -23.88 -1.69
C VAL A 430 35.68 -23.16 -2.93
N LEU A 431 36.76 -23.64 -3.52
CA LEU A 431 37.29 -22.99 -4.70
C LEU A 431 36.34 -23.16 -5.88
N LYS A 432 35.89 -24.40 -6.12
CA LYS A 432 34.93 -24.69 -7.18
C LYS A 432 33.64 -23.87 -7.03
N SER A 433 33.12 -23.78 -5.81
CA SER A 433 31.92 -22.96 -5.58
C SER A 433 32.18 -21.50 -5.89
N SER A 434 33.33 -20.98 -5.44
CA SER A 434 33.66 -19.58 -5.68
C SER A 434 33.72 -19.29 -7.16
N LEU A 435 34.26 -20.21 -7.95
CA LEU A 435 34.29 -20.01 -9.39
C LEU A 435 32.87 -19.94 -9.96
N CYS A 436 31.96 -20.79 -9.45
CA CYS A 436 30.59 -20.77 -9.95
C CYS A 436 29.90 -19.46 -9.59
N LYS A 437 30.03 -19.02 -8.34
CA LYS A 437 29.42 -17.76 -7.92
C LYS A 437 30.02 -16.59 -8.69
N ALA A 438 31.34 -16.57 -8.83
CA ALA A 438 32.00 -15.43 -9.45
C ALA A 438 31.68 -15.36 -10.94
N MET A 439 31.67 -16.49 -11.64
CA MET A 439 31.29 -16.45 -13.04
C MET A 439 29.85 -15.99 -13.20
N TYR A 440 28.95 -16.44 -12.33
CA TYR A 440 27.55 -16.02 -12.44
C TYR A 440 27.41 -14.53 -12.20
N GLU A 441 28.01 -14.02 -11.12
CA GLU A 441 27.87 -12.60 -10.82
C GLU A 441 28.46 -11.74 -11.94
N LYS A 442 29.66 -12.08 -12.43
CA LYS A 442 30.27 -11.26 -13.47
C LYS A 442 29.51 -11.36 -14.77
N LEU A 443 28.84 -12.49 -15.02
CA LEU A 443 28.02 -12.59 -16.22
C LEU A 443 26.83 -11.65 -16.14
N PHE A 444 26.17 -11.62 -14.97
CA PHE A 444 25.09 -10.70 -14.68
C PHE A 444 25.55 -9.25 -14.85
N LEU A 445 26.71 -8.91 -14.28
CA LEU A 445 27.22 -7.54 -14.42
C LEU A 445 27.65 -7.25 -15.85
N TRP A 446 28.12 -8.24 -16.59
CA TRP A 446 28.48 -8.01 -18.00
C TRP A 446 27.26 -7.67 -18.83
N ILE A 447 26.14 -8.38 -18.61
CA ILE A 447 24.91 -8.08 -19.35
C ILE A 447 24.47 -6.64 -19.10
N ILE A 448 24.56 -6.18 -17.86
CA ILE A 448 24.21 -4.79 -17.55
C ILE A 448 25.17 -3.82 -18.23
N ARG A 449 26.48 -4.12 -18.14
CA ARG A 449 27.51 -3.29 -18.77
C ARG A 449 27.29 -3.19 -20.27
N HIS A 450 26.89 -4.30 -20.89
CA HIS A 450 26.63 -4.29 -22.31
C HIS A 450 25.41 -3.45 -22.62
N LEU A 451 24.36 -3.62 -21.83
CA LEU A 451 23.15 -2.83 -22.01
C LEU A 451 23.45 -1.35 -21.91
N ASN A 452 24.28 -0.97 -20.93
CA ASN A 452 24.62 0.43 -20.71
C ASN A 452 25.36 1.03 -21.90
N SER A 453 26.18 0.25 -22.59
CA SER A 453 26.85 0.78 -23.77
C SER A 453 25.89 1.02 -24.93
N ARG A 454 24.65 0.52 -24.88
CA ARG A 454 23.66 0.81 -25.91
C ARG A 454 22.73 1.96 -25.54
N ILE A 455 22.55 2.24 -24.24
CA ILE A 455 21.53 3.17 -23.78
C ILE A 455 22.09 4.41 -23.10
N GLU A 456 23.38 4.45 -22.75
CA GLU A 456 23.90 5.61 -22.04
C GLU A 456 24.26 6.76 -23.00
N PRO A 457 24.11 8.01 -22.55
CA PRO A 457 24.60 9.14 -23.36
C PRO A 457 26.11 9.24 -23.31
N GLU A 458 26.72 9.59 -24.45
CA GLU A 458 28.18 9.54 -24.53
C GLU A 458 28.84 10.49 -23.53
N GLY A 459 28.28 11.68 -23.36
CA GLY A 459 28.90 12.59 -22.42
C GLY A 459 28.47 12.48 -20.98
N GLY A 460 27.75 11.44 -20.58
CA GLY A 460 27.20 11.41 -19.23
C GLY A 460 25.90 12.19 -19.10
N PHE A 461 25.30 12.11 -17.92
CA PHE A 461 23.96 12.67 -17.70
C PHE A 461 24.03 14.13 -17.28
N LYS A 462 23.34 14.99 -18.04
CA LYS A 462 23.22 16.37 -17.62
C LYS A 462 22.14 16.52 -16.56
N THR A 463 20.95 15.97 -16.83
CA THR A 463 19.80 16.02 -15.95
C THR A 463 19.09 14.69 -16.14
N PHE A 464 18.77 14.01 -15.05
CA PHE A 464 18.33 12.64 -15.15
C PHE A 464 17.26 12.35 -14.09
N MET A 465 16.48 11.29 -14.33
CA MET A 465 15.53 10.74 -13.39
C MET A 465 16.16 9.49 -12.80
N GLY A 466 16.45 9.52 -11.51
CA GLY A 466 17.00 8.36 -10.85
C GLY A 466 15.91 7.50 -10.24
N MET A 467 16.20 6.21 -10.09
CA MET A 467 15.19 5.28 -9.64
C MET A 467 15.88 4.20 -8.82
N LEU A 468 15.63 4.17 -7.52
CA LEU A 468 16.25 3.21 -6.62
C LEU A 468 15.17 2.26 -6.11
N ASP A 469 15.49 0.96 -6.07
CA ASP A 469 14.57 -0.09 -5.63
C ASP A 469 15.29 -1.03 -4.68
N ILE A 470 15.00 -0.95 -3.37
CA ILE A 470 15.81 -1.61 -2.35
C ILE A 470 14.95 -2.09 -1.18
N PHE A 471 15.47 -3.05 -0.43
CA PHE A 471 14.94 -3.33 0.90
C PHE A 471 14.99 -2.06 1.74
N GLY A 472 13.99 -1.87 2.61
CA GLY A 472 14.11 -0.94 3.71
C GLY A 472 14.89 -1.56 4.87
N PHE A 473 14.84 -0.92 6.03
CA PHE A 473 15.45 -1.51 7.22
C PHE A 473 14.96 -2.94 7.39
N GLU A 474 15.88 -3.86 7.62
CA GLU A 474 15.55 -5.27 7.83
C GLU A 474 15.96 -5.64 9.24
N VAL A 475 15.03 -6.20 10.00
CA VAL A 475 15.29 -6.57 11.39
C VAL A 475 14.76 -7.98 11.66
N PHE A 476 15.65 -8.97 11.72
CA PHE A 476 15.37 -10.30 12.25
C PHE A 476 15.91 -10.37 13.67
N LYS A 477 15.65 -11.50 14.37
CA LYS A 477 16.31 -11.70 15.65
C LYS A 477 17.81 -11.95 15.48
N ASN A 478 18.18 -12.75 14.48
CA ASN A 478 19.57 -12.97 14.11
C ASN A 478 19.82 -12.25 12.79
N ASN A 479 20.57 -11.16 12.85
CA ASN A 479 20.84 -10.32 11.69
C ASN A 479 22.28 -10.49 11.28
N SER A 480 22.52 -10.72 10.01
CA SER A 480 23.89 -10.97 9.57
C SER A 480 24.47 -9.78 8.80
N LEU A 481 25.58 -10.04 8.12
CA LEU A 481 26.25 -8.99 7.36
C LEU A 481 25.35 -8.42 6.26
N GLU A 482 24.53 -9.26 5.64
CA GLU A 482 23.66 -8.76 4.59
C GLU A 482 22.68 -7.73 5.14
N GLN A 483 22.18 -7.96 6.35
CA GLN A 483 21.26 -7.01 6.94
C GLN A 483 21.99 -5.74 7.36
N LEU A 484 23.24 -5.86 7.80
CA LEU A 484 24.03 -4.68 8.16
C LEU A 484 24.20 -3.74 6.97
N PHE A 485 24.56 -4.28 5.80
CA PHE A 485 24.73 -3.44 4.62
C PHE A 485 23.43 -2.77 4.23
N ILE A 486 22.34 -3.54 4.20
CA ILE A 486 21.02 -2.95 3.95
C ILE A 486 20.74 -1.83 4.95
N ASN A 487 21.04 -2.04 6.22
CA ASN A 487 20.63 -1.08 7.24
C ASN A 487 21.52 0.16 7.24
N ILE A 488 22.79 -0.01 6.86
CA ILE A 488 23.63 1.17 6.62
C ILE A 488 23.06 2.00 5.48
N THR A 489 22.64 1.35 4.39
CA THR A 489 22.07 2.08 3.25
C THR A 489 20.89 2.93 3.68
N ASN A 490 19.99 2.34 4.46
CA ASN A 490 18.78 3.03 4.87
C ASN A 490 19.03 4.07 5.94
N GLU A 491 20.18 4.04 6.63
CA GLU A 491 20.53 5.19 7.46
C GLU A 491 20.89 6.40 6.60
N MET A 492 21.57 6.16 5.47
CA MET A 492 21.97 7.24 4.59
C MET A 492 20.74 7.88 3.97
N LEU A 493 19.76 7.05 3.63
CA LEU A 493 18.53 7.51 3.02
C LEU A 493 17.64 8.20 4.03
N GLN A 494 17.71 7.79 5.30
CA GLN A 494 17.00 8.53 6.35
C GLN A 494 17.56 9.93 6.50
N LYS A 495 18.89 10.07 6.45
CA LYS A 495 19.50 11.39 6.44
C LYS A 495 19.03 12.19 5.24
N ASN A 496 18.93 11.54 4.08
CA ASN A 496 18.39 12.25 2.92
C ASN A 496 16.96 12.74 3.18
N PHE A 497 16.16 11.93 3.85
CA PHE A 497 14.76 12.25 4.09
C PHE A 497 14.59 13.43 5.06
N VAL A 498 15.25 13.37 6.22
CA VAL A 498 15.12 14.49 7.17
C VAL A 498 15.86 15.74 6.66
N ASP A 499 16.89 15.57 5.84
CA ASP A 499 17.56 16.73 5.25
C ASP A 499 16.62 17.48 4.33
N ILE A 500 15.91 16.75 3.46
CA ILE A 500 15.06 17.41 2.49
C ILE A 500 13.87 18.08 3.17
N VAL A 501 13.28 17.42 4.18
CA VAL A 501 12.17 17.98 4.93
C VAL A 501 12.59 19.28 5.62
N PHE A 502 13.79 19.29 6.22
CA PHE A 502 14.29 20.48 6.91
C PHE A 502 14.66 21.59 5.94
N GLU A 503 15.35 21.26 4.84
CA GLU A 503 15.73 22.27 3.85
C GLU A 503 14.52 22.94 3.23
N ARG A 504 13.47 22.15 2.95
CA ARG A 504 12.28 22.70 2.33
C ARG A 504 11.53 23.62 3.30
N GLU A 505 11.44 23.22 4.57
CA GLU A 505 10.76 24.04 5.56
C GLU A 505 11.58 25.27 5.89
N SER A 506 12.90 25.13 6.01
CA SER A 506 13.74 26.27 6.32
C SER A 506 13.70 27.32 5.21
N LYS A 507 13.63 26.86 3.96
CA LYS A 507 13.53 27.78 2.84
C LYS A 507 12.19 28.49 2.84
N LEU A 508 11.12 27.77 3.15
CA LEU A 508 9.79 28.38 3.21
C LEU A 508 9.75 29.48 4.26
N TYR A 509 10.27 29.19 5.46
CA TYR A 509 10.34 30.18 6.51
C TYR A 509 11.15 31.39 6.07
N LYS A 510 12.33 31.15 5.48
CA LYS A 510 13.18 32.26 5.10
C LYS A 510 12.56 33.09 3.99
N ASP A 511 11.82 32.47 3.08
CA ASP A 511 11.15 33.20 2.01
C ASP A 511 9.99 34.05 2.50
N GLU A 512 9.52 33.80 3.72
CA GLU A 512 8.40 34.57 4.27
C GLU A 512 8.81 35.39 5.48
N GLY A 513 10.09 35.43 5.81
CA GLY A 513 10.56 36.25 6.90
C GLY A 513 10.32 35.69 8.30
N ILE A 514 9.86 34.44 8.39
CA ILE A 514 9.66 33.74 9.65
C ILE A 514 11.00 33.31 10.23
N SER A 515 11.09 33.29 11.55
CA SER A 515 12.31 32.82 12.20
C SER A 515 12.44 31.31 12.07
N THR A 516 13.67 30.86 11.80
CA THR A 516 13.97 29.44 11.70
C THR A 516 14.64 28.90 12.96
N ALA A 517 14.59 29.65 14.07
CA ALA A 517 15.26 29.20 15.28
C ALA A 517 14.55 27.99 15.90
N GLU A 518 13.23 27.94 15.83
CA GLU A 518 12.46 26.88 16.44
C GLU A 518 12.29 25.65 15.53
N LEU A 519 13.06 25.55 14.46
CA LEU A 519 13.02 24.35 13.63
C LEU A 519 13.72 23.20 14.32
N LYS A 520 13.20 21.99 14.12
CA LYS A 520 13.70 20.80 14.78
C LYS A 520 14.44 19.93 13.78
N TYR A 521 15.52 19.31 14.23
CA TYR A 521 16.32 18.44 13.38
C TYR A 521 16.88 17.30 14.21
N THR A 522 16.52 16.06 13.85
CA THR A 522 16.98 14.84 14.51
C THR A 522 18.06 14.23 13.65
N SER A 523 19.30 14.65 13.86
CA SER A 523 20.41 14.14 13.06
C SER A 523 20.75 12.70 13.44
N ASN A 524 20.98 11.87 12.43
CA ASN A 524 21.46 10.51 12.65
C ASN A 524 22.90 10.34 12.22
N LYS A 525 23.69 11.42 12.21
CA LYS A 525 25.07 11.31 11.75
C LYS A 525 25.91 10.46 12.70
N GLU A 526 25.54 10.41 13.98
CA GLU A 526 26.34 9.67 14.95
C GLU A 526 26.23 8.16 14.74
N VAL A 527 25.07 7.68 14.30
CA VAL A 527 24.99 6.26 13.98
C VAL A 527 25.61 5.98 12.61
N ILE A 528 25.57 6.95 11.69
CA ILE A 528 26.26 6.78 10.41
C ILE A 528 27.76 6.71 10.64
N ASN A 529 28.28 7.49 11.58
CA ASN A 529 29.71 7.43 11.86
C ASN A 529 30.08 6.07 12.43
N VAL A 530 29.39 5.64 13.49
CA VAL A 530 29.75 4.39 14.16
C VAL A 530 29.69 3.22 13.19
N LEU A 531 28.90 3.34 12.13
CA LEU A 531 28.85 2.30 11.10
C LEU A 531 29.86 2.51 9.98
N CYS A 532 30.19 3.77 9.61
CA CYS A 532 30.95 4.02 8.40
C CYS A 532 32.24 4.83 8.54
N GLU A 533 32.45 5.60 9.61
CA GLU A 533 33.59 6.51 9.68
C GLU A 533 34.91 5.79 9.40
N LYS A 534 35.81 6.49 8.72
CA LYS A 534 37.03 5.87 8.20
C LYS A 534 37.90 5.27 9.30
N GLY A 535 38.10 5.96 10.38
CA GLY A 535 38.97 5.33 11.36
C GLY A 535 38.26 4.40 12.33
N LYS A 536 37.18 4.89 12.91
CA LYS A 536 36.54 4.31 14.10
C LYS A 536 35.10 3.93 13.77
N SER A 537 34.93 2.76 13.17
CA SER A 537 33.61 2.31 12.76
C SER A 537 33.57 0.80 12.66
N VAL A 538 32.34 0.28 12.69
CA VAL A 538 32.11 -1.15 12.49
C VAL A 538 32.68 -1.60 11.14
N LEU A 539 32.36 -0.86 10.07
CA LEU A 539 32.86 -1.25 8.75
C LEU A 539 34.38 -1.14 8.67
N SER A 540 34.97 -0.27 9.48
CA SER A 540 36.43 -0.21 9.50
C SER A 540 37.03 -1.44 10.17
N TYR A 541 36.54 -1.80 11.34
CA TYR A 541 37.09 -2.95 12.03
C TYR A 541 36.74 -4.25 11.34
N LEU A 542 35.63 -4.29 10.59
CA LEU A 542 35.36 -5.43 9.73
C LEU A 542 36.45 -5.59 8.67
N GLU A 543 36.84 -4.49 8.02
CA GLU A 543 37.88 -4.53 7.01
C GLU A 543 39.22 -4.93 7.62
N ASP A 544 39.55 -4.38 8.79
CA ASP A 544 40.83 -4.67 9.44
C ASP A 544 40.95 -6.15 9.78
N GLN A 545 39.93 -6.70 10.45
CA GLN A 545 39.91 -8.13 10.77
C GLN A 545 39.97 -8.99 9.51
N CYS A 546 39.44 -8.50 8.39
CA CYS A 546 39.49 -9.28 7.16
C CYS A 546 40.89 -9.30 6.55
N LEU A 547 41.65 -8.20 6.69
CA LEU A 547 43.01 -8.19 6.18
C LEU A 547 44.00 -8.83 7.17
N ALA A 548 43.61 -8.95 8.43
CA ALA A 548 44.52 -9.46 9.45
C ALA A 548 44.80 -10.94 9.23
N PRO A 549 46.06 -11.37 9.34
CA PRO A 549 46.40 -12.77 9.05
C PRO A 549 45.58 -13.79 9.82
N GLY A 550 45.29 -13.54 11.10
CA GLY A 550 44.49 -14.48 11.88
C GLY A 550 43.18 -13.92 12.38
N GLY A 551 42.51 -13.10 11.58
CA GLY A 551 41.32 -12.43 12.05
C GLY A 551 40.19 -13.41 12.36
N THR A 552 39.32 -13.01 13.29
CA THR A 552 38.15 -13.82 13.63
C THR A 552 36.96 -12.92 13.94
N ASP A 553 35.76 -13.50 13.74
CA ASP A 553 34.52 -12.81 14.05
C ASP A 553 34.54 -12.26 15.47
N GLU A 554 35.03 -13.08 16.41
CA GLU A 554 35.06 -12.69 17.82
C GLU A 554 36.01 -11.52 18.03
N LYS A 555 37.21 -11.58 17.41
CA LYS A 555 38.15 -10.46 17.47
C LYS A 555 37.54 -9.19 16.90
N PHE A 556 36.85 -9.31 15.77
CA PHE A 556 36.16 -8.16 15.19
C PHE A 556 35.20 -7.55 16.20
N VAL A 557 34.39 -8.38 16.86
CA VAL A 557 33.46 -7.88 17.86
C VAL A 557 34.21 -7.19 18.99
N SER A 558 35.34 -7.77 19.40
CA SER A 558 36.09 -7.20 20.51
C SER A 558 36.67 -5.84 20.15
N SER A 559 37.20 -5.70 18.93
CA SER A 559 37.78 -4.41 18.55
C SER A 559 36.72 -3.33 18.53
N CYS A 560 35.51 -3.67 18.09
CA CYS A 560 34.40 -2.72 18.15
C CYS A 560 34.09 -2.32 19.58
N ALA A 561 33.91 -3.31 20.46
CA ALA A 561 33.49 -3.03 21.83
C ALA A 561 34.49 -2.18 22.59
N THR A 562 35.78 -2.31 22.29
CA THR A 562 36.74 -1.52 23.03
C THR A 562 37.07 -0.18 22.37
N ASN A 563 36.76 0.00 21.10
CA ASN A 563 37.09 1.25 20.43
C ASN A 563 35.89 2.14 20.16
N LEU A 564 34.66 1.66 20.32
CA LEU A 564 33.47 2.47 20.10
C LEU A 564 32.74 2.79 21.41
N LYS A 565 33.48 2.91 22.50
CA LYS A 565 32.84 3.28 23.75
C LYS A 565 32.46 4.75 23.81
N GLU A 566 32.47 5.49 22.69
CA GLU A 566 32.31 6.93 22.69
C GLU A 566 30.99 7.40 22.10
N ASN A 567 30.06 6.50 21.81
CA ASN A 567 28.69 6.90 21.50
C ASN A 567 27.73 5.80 21.91
N ASN A 568 26.54 6.22 22.34
CA ASN A 568 25.44 5.29 22.61
C ASN A 568 25.26 4.28 21.48
N LYS A 569 25.57 4.68 20.24
CA LYS A 569 25.14 3.95 19.05
C LYS A 569 25.65 2.52 18.98
N PHE A 570 26.76 2.20 19.65
CA PHE A 570 27.22 0.83 19.74
C PHE A 570 26.99 0.33 21.16
N THR A 571 26.32 -0.81 21.28
CA THR A 571 26.00 -1.40 22.58
C THR A 571 26.43 -2.85 22.61
N PRO A 572 27.42 -3.23 23.42
CA PRO A 572 27.80 -4.64 23.50
C PRO A 572 26.65 -5.48 24.00
N ALA A 573 26.48 -6.67 23.41
CA ALA A 573 25.29 -7.46 23.64
C ALA A 573 25.31 -8.09 25.03
N LYS A 574 24.13 -8.53 25.48
CA LYS A 574 24.02 -9.11 26.82
C LYS A 574 24.36 -10.59 26.82
N VAL A 575 23.53 -11.43 26.18
CA VAL A 575 23.74 -12.88 26.12
C VAL A 575 24.67 -13.20 24.96
N ALA A 576 25.68 -14.04 25.22
CA ALA A 576 26.73 -14.36 24.25
C ALA A 576 27.30 -13.07 23.66
N SER A 577 28.02 -12.33 24.52
CA SER A 577 28.48 -11.00 24.16
C SER A 577 29.53 -11.04 23.06
N ASN A 578 30.35 -12.09 23.04
CA ASN A 578 31.18 -12.35 21.87
C ASN A 578 30.30 -12.72 20.68
N LYS A 579 30.79 -12.43 19.49
CA LYS A 579 30.05 -12.71 18.25
C LYS A 579 28.66 -12.06 18.22
N ASN A 580 28.36 -11.10 19.09
CA ASN A 580 27.07 -10.40 19.05
C ASN A 580 27.22 -8.96 19.53
N PHE A 581 26.50 -8.04 18.88
CA PHE A 581 26.55 -6.61 19.21
C PHE A 581 25.27 -5.94 18.70
N ILE A 582 25.00 -4.74 19.22
CA ILE A 582 23.77 -4.02 18.92
C ILE A 582 24.11 -2.61 18.43
N ILE A 583 23.35 -2.12 17.45
CA ILE A 583 23.49 -0.77 16.92
C ILE A 583 22.20 0.00 17.19
N GLN A 584 22.34 1.24 17.63
CA GLN A 584 21.18 2.10 17.90
C GLN A 584 20.75 2.83 16.62
N HIS A 585 20.20 2.04 15.70
CA HIS A 585 19.68 2.57 14.44
C HIS A 585 18.54 3.55 14.71
N THR A 586 18.25 4.37 13.70
CA THR A 586 17.21 5.38 13.83
C THR A 586 15.86 4.77 14.22
N ILE A 587 15.54 3.57 13.70
CA ILE A 587 14.28 2.92 14.01
C ILE A 587 14.34 2.08 15.29
N GLY A 588 15.45 2.09 16.02
CA GLY A 588 15.56 1.32 17.24
C GLY A 588 16.80 0.43 17.26
N PRO A 589 17.05 -0.23 18.38
CA PRO A 589 18.23 -1.09 18.49
C PRO A 589 18.06 -2.38 17.70
N ILE A 590 19.09 -2.73 16.93
CA ILE A 590 19.10 -3.93 16.11
C ILE A 590 20.29 -4.76 16.54
N GLN A 591 20.05 -6.05 16.77
CA GLN A 591 21.09 -6.99 17.20
C GLN A 591 21.66 -7.70 15.98
N TYR A 592 22.99 -7.78 15.92
CA TYR A 592 23.69 -8.46 14.84
C TYR A 592 24.47 -9.63 15.41
N CYS A 593 24.59 -10.69 14.62
CA CYS A 593 25.41 -11.86 14.95
C CYS A 593 26.62 -11.91 14.03
N ALA A 594 27.80 -11.86 14.61
CA ALA A 594 29.04 -11.74 13.83
C ALA A 594 29.51 -13.05 13.20
N GLU A 595 28.82 -14.16 13.43
CA GLU A 595 29.22 -15.43 12.82
C GLU A 595 29.28 -15.28 11.30
N SER A 596 30.38 -15.77 10.72
CA SER A 596 30.62 -15.76 9.28
C SER A 596 30.73 -14.36 8.69
N PHE A 597 30.81 -13.32 9.52
CA PHE A 597 31.01 -11.98 8.99
C PHE A 597 32.24 -11.93 8.09
N LEU A 598 33.36 -12.46 8.58
CA LEU A 598 34.59 -12.45 7.80
C LEU A 598 34.46 -13.35 6.58
N LEU A 599 33.92 -14.55 6.78
CA LEU A 599 33.64 -15.44 5.67
C LEU A 599 32.81 -14.72 4.62
N LYS A 600 31.70 -14.13 5.03
CA LYS A 600 30.83 -13.45 4.09
C LYS A 600 31.52 -12.27 3.43
N ASN A 601 32.24 -11.46 4.21
CA ASN A 601 32.88 -10.28 3.66
C ASN A 601 33.99 -10.62 2.67
N LYS A 602 34.63 -11.79 2.80
CA LYS A 602 35.72 -12.19 1.92
C LYS A 602 35.27 -13.08 0.76
N ASP A 603 33.96 -13.23 0.54
CA ASP A 603 33.42 -14.11 -0.49
C ASP A 603 33.52 -13.46 -1.88
N VAL A 604 34.76 -13.22 -2.30
CA VAL A 604 35.09 -12.60 -3.58
C VAL A 604 36.21 -13.40 -4.21
N LEU A 605 36.03 -13.84 -5.46
CA LEU A 605 37.08 -14.60 -6.14
C LEU A 605 38.31 -13.72 -6.35
N ARG A 606 39.45 -14.19 -5.86
CA ARG A 606 40.71 -13.49 -6.05
C ARG A 606 41.77 -14.49 -6.46
N GLY A 607 42.95 -13.98 -6.80
CA GLY A 607 44.08 -14.83 -7.08
C GLY A 607 44.20 -15.27 -8.52
N ASP A 608 44.82 -16.44 -8.71
CA ASP A 608 45.21 -16.90 -10.04
C ASP A 608 44.04 -17.38 -10.87
N LEU A 609 42.98 -17.87 -10.23
CA LEU A 609 41.81 -18.30 -11.00
C LEU A 609 41.28 -17.16 -11.86
N VAL A 610 41.35 -15.93 -11.36
CA VAL A 610 40.87 -14.80 -12.15
C VAL A 610 41.72 -14.63 -13.40
N GLU A 611 43.04 -14.81 -13.28
CA GLU A 611 43.90 -14.61 -14.44
C GLU A 611 43.68 -15.69 -15.48
N VAL A 612 43.35 -16.91 -15.06
CA VAL A 612 43.00 -17.95 -16.02
C VAL A 612 41.76 -17.56 -16.81
N ILE A 613 40.77 -16.97 -16.13
CA ILE A 613 39.53 -16.61 -16.80
C ILE A 613 39.77 -15.49 -17.81
N LYS A 614 40.62 -14.51 -17.44
CA LYS A 614 40.97 -13.41 -18.35
C LYS A 614 41.77 -13.88 -19.56
N ASP A 615 42.36 -15.07 -19.50
CA ASP A 615 43.04 -15.65 -20.64
C ASP A 615 42.14 -16.58 -21.44
N SER A 616 40.84 -16.46 -21.27
CA SER A 616 39.91 -17.18 -22.14
C SER A 616 40.01 -16.63 -23.55
N PRO A 617 40.00 -17.50 -24.56
CA PRO A 617 39.99 -16.98 -25.94
C PRO A 617 38.70 -16.26 -26.31
N ASN A 618 37.61 -16.45 -25.56
CA ASN A 618 36.32 -15.85 -25.89
C ASN A 618 36.29 -14.41 -25.40
N PRO A 619 35.88 -13.46 -26.23
CA PRO A 619 35.98 -12.04 -25.82
C PRO A 619 35.01 -11.65 -24.73
N ILE A 620 33.84 -12.28 -24.66
CA ILE A 620 32.91 -11.98 -23.57
C ILE A 620 33.50 -12.41 -22.23
N VAL A 621 34.09 -13.62 -22.18
CA VAL A 621 34.65 -14.15 -20.95
C VAL A 621 35.89 -13.38 -20.52
N GLN A 622 36.69 -12.90 -21.49
CA GLN A 622 37.76 -11.95 -21.20
C GLN A 622 37.23 -10.72 -20.48
N GLN A 623 36.04 -10.27 -20.82
CA GLN A 623 35.54 -9.03 -20.26
C GLN A 623 34.86 -9.20 -18.91
N LEU A 624 34.62 -10.43 -18.48
CA LEU A 624 33.91 -10.67 -17.22
C LEU A 624 34.64 -10.06 -16.04
N PHE A 625 35.95 -10.30 -15.96
CA PHE A 625 36.81 -9.74 -14.92
C PHE A 625 37.79 -8.74 -15.49
N GLU A 626 37.44 -8.12 -16.62
CA GLU A 626 38.36 -7.21 -17.29
C GLU A 626 38.75 -6.06 -16.36
N GLY A 627 40.04 -5.72 -16.38
CA GLY A 627 40.58 -4.67 -15.55
C GLY A 627 40.81 -5.02 -14.10
N GLN A 628 40.37 -6.19 -13.64
CA GLN A 628 40.45 -6.57 -12.24
C GLN A 628 41.86 -6.96 -11.83
N VAL A 629 42.26 -6.55 -10.60
CA VAL A 629 43.64 -6.60 -10.14
C VAL A 629 43.98 -7.98 -9.55
N ILE A 630 45.24 -8.37 -9.72
CA ILE A 630 45.72 -9.71 -9.34
C ILE A 630 46.01 -9.76 -7.85
N GLU A 631 45.70 -10.89 -7.23
CA GLU A 631 45.99 -11.09 -5.82
C GLU A 631 46.48 -12.51 -5.55
N LYS A 634 48.68 -11.94 -1.14
CA LYS A 634 48.00 -11.34 0.01
C LYS A 634 46.60 -10.89 -0.36
N ILE A 635 45.86 -10.39 0.63
CA ILE A 635 44.47 -9.96 0.44
C ILE A 635 44.41 -8.45 0.55
N ALA A 636 43.71 -7.82 -0.40
CA ALA A 636 43.60 -6.37 -0.47
C ALA A 636 42.16 -5.97 -0.21
N LYS A 637 41.95 -4.69 0.12
CA LYS A 637 40.60 -4.27 0.42
C LYS A 637 39.72 -4.19 -0.83
N GLY A 638 40.31 -4.21 -2.03
CA GLY A 638 39.49 -4.32 -3.23
C GLY A 638 38.88 -5.70 -3.41
N SER A 639 39.20 -6.61 -2.51
CA SER A 639 38.73 -8.00 -2.53
C SER A 639 37.67 -8.26 -1.47
N LEU A 640 37.18 -7.22 -0.79
CA LEU A 640 36.23 -7.35 0.30
C LEU A 640 34.90 -6.71 -0.12
N ILE A 641 33.81 -7.43 0.09
CA ILE A 641 32.50 -6.93 -0.29
C ILE A 641 32.19 -5.64 0.46
N GLY A 642 32.52 -5.59 1.74
CA GLY A 642 32.21 -4.40 2.51
C GLY A 642 33.01 -3.19 2.09
N SER A 643 34.28 -3.40 1.74
CA SER A 643 35.09 -2.29 1.30
C SER A 643 34.60 -1.73 -0.02
N GLN A 644 34.31 -2.62 -0.99
CA GLN A 644 33.79 -2.19 -2.28
C GLN A 644 32.39 -1.61 -2.18
N PHE A 645 31.57 -2.06 -1.21
CA PHE A 645 30.22 -1.56 -1.14
C PHE A 645 30.16 -0.14 -0.60
N LEU A 646 30.96 0.18 0.42
CA LEU A 646 30.92 1.52 0.93
C LEU A 646 31.39 2.51 -0.12
N ASN A 647 32.30 2.10 -1.02
CA ASN A 647 32.65 2.96 -2.15
C ASN A 647 31.45 3.16 -3.07
N GLN A 648 30.82 2.06 -3.51
CA GLN A 648 29.61 2.14 -4.33
C GLN A 648 28.58 3.04 -3.67
N LEU A 649 28.32 2.79 -2.37
CA LEU A 649 27.24 3.44 -1.66
C LEU A 649 27.49 4.93 -1.53
N THR A 650 28.75 5.32 -1.34
CA THR A 650 29.05 6.74 -1.23
C THR A 650 28.87 7.45 -2.55
N SER A 651 29.37 6.84 -3.63
CA SER A 651 29.10 7.38 -4.96
C SER A 651 27.61 7.51 -5.19
N LEU A 652 26.87 6.44 -4.90
CA LEU A 652 25.43 6.43 -5.15
C LEU A 652 24.75 7.56 -4.37
N MET A 653 25.12 7.73 -3.10
CA MET A 653 24.48 8.74 -2.27
C MET A 653 24.90 10.15 -2.66
N ASN A 654 26.14 10.34 -3.13
CA ASN A 654 26.54 11.67 -3.61
C ASN A 654 25.71 12.07 -4.81
N LEU A 655 25.42 11.10 -5.67
CA LEU A 655 24.53 11.33 -6.81
C LEU A 655 23.10 11.64 -6.35
N ILE A 656 22.53 10.78 -5.51
CA ILE A 656 21.16 10.97 -5.07
C ILE A 656 21.01 12.28 -4.28
N ASN A 657 21.96 12.55 -3.38
CA ASN A 657 21.92 13.79 -2.60
C ASN A 657 21.88 15.04 -3.48
N SER A 658 22.37 14.97 -4.71
CA SER A 658 22.27 16.10 -5.62
C SER A 658 20.96 16.15 -6.41
N THR A 659 19.97 15.33 -6.06
CA THR A 659 18.70 15.29 -6.75
C THR A 659 17.60 15.64 -5.78
N GLU A 660 16.42 15.98 -6.30
CA GLU A 660 15.24 16.11 -5.45
C GLU A 660 14.65 14.73 -5.23
N PRO A 661 14.49 14.29 -3.99
CA PRO A 661 14.06 12.91 -3.74
C PRO A 661 12.57 12.77 -3.60
N HIS A 662 12.10 11.60 -4.02
CA HIS A 662 10.74 11.14 -3.84
C HIS A 662 10.80 9.77 -3.19
N PHE A 663 9.96 9.56 -2.18
CA PHE A 663 10.00 8.32 -1.42
C PHE A 663 8.68 7.58 -1.56
N ILE A 664 8.74 6.37 -2.08
CA ILE A 664 7.60 5.46 -2.06
C ILE A 664 7.91 4.37 -1.04
N ARG A 665 7.08 4.30 0.00
CA ARG A 665 7.24 3.34 1.08
C ARG A 665 6.20 2.24 0.89
N CYS A 666 6.65 1.03 0.59
CA CYS A 666 5.76 -0.06 0.24
C CYS A 666 5.49 -0.92 1.46
N ILE A 667 4.21 -1.26 1.67
CA ILE A 667 3.78 -2.03 2.84
C ILE A 667 3.17 -3.35 2.38
N LYS A 668 3.56 -4.41 3.07
CA LYS A 668 2.98 -5.74 2.94
C LYS A 668 1.90 -5.89 4.01
N PRO A 669 0.62 -5.97 3.67
CA PRO A 669 -0.42 -5.97 4.72
C PRO A 669 -0.61 -7.30 5.42
N ASN A 670 -0.07 -8.40 4.92
CA ASN A 670 -0.18 -9.69 5.60
C ASN A 670 0.85 -10.63 5.00
N GLU A 671 1.20 -11.69 5.75
CA GLU A 671 2.21 -12.63 5.26
C GLU A 671 1.62 -13.80 4.51
N ASN A 672 0.36 -13.70 4.07
CA ASN A 672 -0.31 -14.78 3.37
C ASN A 672 -0.54 -14.52 1.88
N LYS A 673 -0.12 -13.37 1.34
CA LYS A 673 -0.38 -13.03 -0.06
C LYS A 673 -1.88 -12.98 -0.37
N LYS A 674 -2.68 -12.52 0.57
CA LYS A 674 -4.12 -12.55 0.45
C LYS A 674 -4.67 -11.15 0.27
N PRO A 675 -5.53 -10.91 -0.72
CA PRO A 675 -6.19 -9.61 -0.83
C PRO A 675 -7.16 -9.34 0.32
N LEU A 676 -7.26 -8.07 0.70
CA LEU A 676 -8.23 -7.60 1.71
C LEU A 676 -8.03 -8.27 3.05
N GLU A 677 -6.80 -8.58 3.43
CA GLU A 677 -6.48 -9.11 4.74
C GLU A 677 -5.52 -8.16 5.44
N TRP A 678 -5.92 -7.66 6.61
CA TRP A 678 -5.26 -6.55 7.29
C TRP A 678 -4.65 -7.05 8.59
N CYS A 679 -3.32 -7.08 8.67
CA CYS A 679 -2.65 -7.56 9.88
C CYS A 679 -2.05 -6.38 10.63
N GLU A 680 -2.81 -5.83 11.56
CA GLU A 680 -2.42 -4.58 12.21
C GLU A 680 -1.04 -4.61 12.82
N PRO A 681 -0.64 -5.62 13.61
CA PRO A 681 0.73 -5.59 14.16
C PRO A 681 1.82 -5.52 13.10
N LYS A 682 1.71 -6.28 12.01
CA LYS A 682 2.73 -6.23 10.96
C LYS A 682 2.73 -4.89 10.26
N ILE A 683 1.55 -4.32 10.02
CA ILE A 683 1.43 -3.04 9.34
C ILE A 683 1.94 -1.93 10.24
N LEU A 684 1.67 -2.03 11.54
CA LEU A 684 2.18 -1.01 12.45
C LEU A 684 3.68 -1.05 12.53
N ILE A 685 4.28 -2.25 12.49
CA ILE A 685 5.73 -2.35 12.54
C ILE A 685 6.34 -1.74 11.27
N GLN A 686 5.66 -1.83 10.13
CA GLN A 686 6.23 -1.22 8.93
C GLN A 686 6.04 0.30 8.92
N LEU A 687 4.89 0.80 9.40
CA LEU A 687 4.71 2.25 9.52
C LEU A 687 5.86 2.86 10.29
N HIS A 688 6.30 2.18 11.34
CA HIS A 688 7.40 2.71 12.15
C HIS A 688 8.71 2.61 11.38
N ALA A 689 8.97 1.46 10.75
CA ALA A 689 10.24 1.24 10.07
C ALA A 689 10.39 2.12 8.83
N LEU A 690 9.30 2.44 8.15
CA LEU A 690 9.38 3.29 6.98
C LEU A 690 9.23 4.78 7.32
N SER A 691 9.43 5.13 8.59
CA SER A 691 9.39 6.52 9.05
C SER A 691 8.08 7.22 8.71
N ILE A 692 6.99 6.48 8.52
CA ILE A 692 5.73 7.13 8.16
C ILE A 692 5.18 7.88 9.36
N LEU A 693 5.22 7.25 10.53
CA LEU A 693 4.78 7.93 11.73
C LEU A 693 5.65 9.13 12.02
N GLU A 694 6.95 9.04 11.73
CA GLU A 694 7.87 10.17 11.92
C GLU A 694 7.50 11.33 11.00
N ALA A 695 7.18 11.02 9.73
CA ALA A 695 6.78 12.05 8.79
C ALA A 695 5.52 12.80 9.24
N LEU A 696 4.63 12.13 9.96
CA LEU A 696 3.45 12.84 10.46
C LEU A 696 3.85 13.79 11.57
N VAL A 697 4.66 13.32 12.52
CA VAL A 697 5.14 14.16 13.59
C VAL A 697 5.87 15.37 13.01
N LEU A 698 6.79 15.11 12.07
CA LEU A 698 7.64 16.17 11.51
C LEU A 698 6.82 17.27 10.88
N ARG A 699 5.74 16.90 10.20
CA ARG A 699 4.92 17.88 9.52
C ARG A 699 4.05 18.70 10.48
N GLN A 700 3.83 18.24 11.71
CA GLN A 700 3.01 19.00 12.65
C GLN A 700 3.80 19.95 13.52
N LEU A 701 5.12 19.87 13.51
CA LEU A 701 5.94 20.71 14.38
C LEU A 701 5.96 22.16 13.91
N GLY A 702 6.40 23.03 14.81
CA GLY A 702 6.51 24.43 14.50
C GLY A 702 5.21 25.00 13.96
N TYR A 703 5.35 25.94 13.02
CA TYR A 703 4.23 26.64 12.40
C TYR A 703 3.78 25.83 11.20
N SER A 704 2.96 24.81 11.46
CA SER A 704 2.66 23.82 10.44
C SER A 704 1.56 24.27 9.48
N TYR A 705 0.67 25.17 9.93
CA TYR A 705 -0.38 25.72 9.07
C TYR A 705 0.18 26.94 8.34
N ARG A 706 -0.05 27.01 7.02
CA ARG A 706 0.42 28.12 6.19
C ARG A 706 -0.56 28.35 5.06
N ARG A 707 -1.35 29.42 5.15
CA ARG A 707 -2.25 29.76 4.07
C ARG A 707 -2.07 31.23 3.74
N THR A 708 -2.41 31.60 2.52
CA THR A 708 -2.23 32.99 2.14
C THR A 708 -3.31 33.85 2.78
N PHE A 709 -3.03 35.15 2.88
CA PHE A 709 -3.95 36.08 3.51
C PHE A 709 -5.38 35.87 3.05
N GLU A 710 -5.57 35.76 1.73
CA GLU A 710 -6.90 35.58 1.16
C GLU A 710 -7.50 34.23 1.51
N GLU A 711 -6.68 33.18 1.62
CA GLU A 711 -7.21 31.89 2.07
C GLU A 711 -7.49 31.88 3.56
N PHE A 712 -6.59 32.48 4.36
CA PHE A 712 -6.83 32.58 5.79
C PHE A 712 -8.10 33.36 6.07
N LEU A 713 -8.33 34.45 5.33
CA LEU A 713 -9.54 35.22 5.52
C LEU A 713 -10.78 34.43 5.10
N TYR A 714 -10.69 33.66 4.01
CA TYR A 714 -11.84 32.87 3.59
C TYR A 714 -12.14 31.74 4.56
N GLN A 715 -11.11 31.16 5.18
CA GLN A 715 -11.33 30.03 6.07
C GLN A 715 -11.78 30.48 7.47
N TYR A 716 -11.25 31.61 7.95
CA TYR A 716 -11.46 32.04 9.34
C TYR A 716 -12.25 33.35 9.41
N LYS A 717 -13.04 33.58 8.36
CA LYS A 717 -13.83 34.79 8.22
C LYS A 717 -14.66 35.09 9.46
N PHE A 718 -15.32 34.07 10.02
CA PHE A 718 -16.30 34.29 11.07
C PHE A 718 -15.70 34.28 12.47
N VAL A 719 -14.37 34.20 12.58
CA VAL A 719 -13.70 34.40 13.87
C VAL A 719 -14.04 35.77 14.42
N ASP A 720 -13.97 36.79 13.55
CA ASP A 720 -14.25 38.19 13.84
C ASP A 720 -14.74 38.78 12.52
N ILE A 721 -16.03 38.58 12.23
CA ILE A 721 -16.57 38.93 10.92
C ILE A 721 -16.43 40.41 10.63
N ALA A 722 -16.52 41.27 11.67
CA ALA A 722 -16.36 42.69 11.45
C ALA A 722 -14.96 43.02 10.97
N ALA A 723 -13.95 42.44 11.61
CA ALA A 723 -12.56 42.71 11.24
C ALA A 723 -12.27 42.24 9.81
N ALA A 724 -12.85 41.11 9.41
CA ALA A 724 -12.55 40.50 8.11
C ALA A 724 -13.31 41.15 6.96
N GLU A 725 -14.41 41.85 7.23
CA GLU A 725 -15.20 42.50 6.19
C GLU A 725 -15.02 44.01 6.24
N ASP A 726 -13.77 44.47 6.31
CA ASP A 726 -13.45 45.89 6.46
C ASP A 726 -12.65 46.35 5.24
N SER A 727 -13.27 47.21 4.42
CA SER A 727 -12.61 47.70 3.21
C SER A 727 -11.40 48.58 3.50
N SER A 728 -11.34 49.20 4.69
CA SER A 728 -10.31 50.18 4.99
C SER A 728 -8.93 49.54 5.14
N VAL A 729 -8.84 48.38 5.82
CA VAL A 729 -7.55 47.73 6.13
C VAL A 729 -7.23 46.70 5.06
N GLU A 730 -5.94 46.55 4.77
CA GLU A 730 -5.48 45.60 3.76
C GLU A 730 -5.54 44.17 4.32
N ASN A 731 -5.30 43.20 3.44
CA ASN A 731 -5.47 41.81 3.85
C ASN A 731 -4.42 41.36 4.87
N GLN A 732 -3.21 41.91 4.80
CA GLN A 732 -2.21 41.62 5.82
C GLN A 732 -2.66 42.11 7.19
N ASN A 733 -3.19 43.33 7.26
CA ASN A 733 -3.63 43.86 8.55
C ASN A 733 -4.93 43.25 9.01
N LYS A 734 -5.79 42.82 8.08
CA LYS A 734 -7.02 42.16 8.48
C LYS A 734 -6.71 40.89 9.26
N CYS A 735 -5.78 40.08 8.75
CA CYS A 735 -5.39 38.87 9.45
C CYS A 735 -4.79 39.19 10.82
N VAL A 736 -3.99 40.25 10.91
CA VAL A 736 -3.45 40.66 12.20
C VAL A 736 -4.58 40.98 13.18
N ASN A 737 -5.57 41.77 12.73
CA ASN A 737 -6.71 42.10 13.59
C ASN A 737 -7.46 40.85 14.03
N ILE A 738 -7.66 39.89 13.13
CA ILE A 738 -8.33 38.65 13.50
C ILE A 738 -7.55 37.91 14.58
N LEU A 739 -6.24 37.75 14.36
CA LEU A 739 -5.46 36.98 15.31
C LEU A 739 -5.26 37.74 16.61
N LYS A 740 -5.15 39.06 16.56
CA LYS A 740 -4.93 39.80 17.79
C LYS A 740 -6.16 39.75 18.67
N LEU A 741 -7.35 39.73 18.07
CA LEU A 741 -8.59 39.79 18.83
C LEU A 741 -9.18 38.41 19.12
N SER A 742 -8.63 37.36 18.51
CA SER A 742 -9.23 36.03 18.58
C SER A 742 -9.02 35.37 19.94
N GLY A 743 -7.97 35.73 20.67
CA GLY A 743 -7.61 35.09 21.92
C GLY A 743 -6.32 34.31 21.86
N LEU A 744 -5.80 34.03 20.65
CA LEU A 744 -4.56 33.29 20.47
C LEU A 744 -3.40 34.05 21.09
N SER A 745 -2.44 33.31 21.64
CA SER A 745 -1.23 33.97 22.11
C SER A 745 -0.30 34.20 20.94
N GLU A 746 0.59 35.19 21.11
CA GLU A 746 1.43 35.60 19.99
C GLU A 746 2.35 34.47 19.53
N SER A 747 2.68 33.55 20.43
CA SER A 747 3.53 32.43 20.06
C SER A 747 2.82 31.43 19.15
N MET A 748 1.50 31.48 19.05
CA MET A 748 0.78 30.53 18.21
C MET A 748 0.66 30.98 16.76
N TYR A 749 1.11 32.19 16.43
CA TYR A 749 1.01 32.65 15.06
C TYR A 749 2.15 33.61 14.73
N LYS A 750 2.44 33.69 13.43
CA LYS A 750 3.34 34.69 12.88
C LYS A 750 2.79 35.14 11.53
N ILE A 751 3.01 36.40 11.19
CA ILE A 751 2.59 36.94 9.91
C ILE A 751 3.78 36.96 8.98
N GLY A 752 3.64 36.32 7.83
CA GLY A 752 4.69 36.30 6.82
C GLY A 752 4.56 37.42 5.81
N LYS A 753 5.44 37.35 4.80
CA LYS A 753 5.38 38.28 3.68
C LYS A 753 4.05 38.15 2.93
N SER A 754 3.56 36.93 2.79
CA SER A 754 2.34 36.68 2.05
C SER A 754 1.43 35.66 2.71
N MET A 755 1.80 35.10 3.87
CA MET A 755 1.06 33.97 4.42
C MET A 755 0.97 34.12 5.93
N VAL A 756 -0.12 33.60 6.48
CA VAL A 756 -0.30 33.48 7.93
C VAL A 756 0.29 32.14 8.37
N PHE A 757 1.11 32.17 9.41
CA PHE A 757 1.77 30.97 9.92
C PHE A 757 1.18 30.63 11.29
N LEU A 758 0.54 29.48 11.40
CA LEU A 758 -0.10 29.06 12.63
C LEU A 758 0.52 27.76 13.14
N LYS A 759 0.77 27.69 14.44
CA LYS A 759 1.06 26.41 15.04
C LYS A 759 -0.18 25.53 14.98
N GLN A 760 0.03 24.22 15.05
CA GLN A 760 -1.09 23.29 14.96
C GLN A 760 -2.11 23.55 16.06
N GLU A 761 -1.64 23.75 17.28
CA GLU A 761 -2.53 24.01 18.40
C GLU A 761 -3.35 25.28 18.17
N GLY A 762 -2.67 26.37 17.74
CA GLY A 762 -3.38 27.61 17.48
C GLY A 762 -4.43 27.45 16.40
N ALA A 763 -4.15 26.65 15.38
CA ALA A 763 -5.10 26.47 14.29
C ALA A 763 -6.35 25.73 14.77
N LYS A 764 -6.20 24.79 15.69
CA LYS A 764 -7.36 24.07 16.19
C LYS A 764 -8.18 24.92 17.14
N ILE A 765 -7.54 25.82 17.88
CA ILE A 765 -8.27 26.78 18.71
C ILE A 765 -9.04 27.75 17.82
N LEU A 766 -8.39 28.26 16.77
CA LEU A 766 -9.05 29.19 15.88
C LEU A 766 -10.28 28.56 15.23
N THR A 767 -10.19 27.26 14.89
CA THR A 767 -11.35 26.55 14.36
C THR A 767 -12.47 26.48 15.39
N LYS A 768 -12.12 26.19 16.64
CA LYS A 768 -13.12 26.08 17.70
C LYS A 768 -13.71 27.43 18.07
N ILE A 769 -12.94 28.52 17.90
CA ILE A 769 -13.47 29.85 18.21
C ILE A 769 -14.48 30.27 17.14
N GLN A 770 -14.19 29.96 15.88
CA GLN A 770 -15.09 30.28 14.79
C GLN A 770 -16.40 29.50 14.89
N ARG A 771 -16.32 28.22 15.31
CA ARG A 771 -17.52 27.42 15.49
C ARG A 771 -18.41 27.97 16.59
N GLU A 772 -17.82 28.58 17.62
CA GLU A 772 -18.63 29.18 18.67
C GLU A 772 -19.35 30.42 18.17
N LYS A 773 -18.72 31.18 17.28
CA LYS A 773 -19.40 32.32 16.69
C LYS A 773 -20.55 31.90 15.80
N LEU A 774 -20.45 30.74 15.16
CA LEU A 774 -21.49 30.25 14.26
C LEU A 774 -22.42 29.26 14.95
N VAL A 775 -22.67 29.44 16.25
CA VAL A 775 -23.50 28.52 17.02
C VAL A 775 -24.93 28.45 16.47
N GLU A 776 -25.42 29.55 15.91
CA GLU A 776 -26.81 29.59 15.46
C GLU A 776 -27.03 28.97 14.10
N TRP A 777 -25.98 28.54 13.41
CA TRP A 777 -26.11 27.75 12.21
C TRP A 777 -26.03 26.25 12.47
N GLU A 778 -25.66 25.84 13.69
CA GLU A 778 -25.45 24.43 14.00
C GLU A 778 -26.63 23.57 13.58
N ASN A 779 -27.84 23.93 14.02
CA ASN A 779 -29.04 23.16 13.72
C ASN A 779 -29.32 23.11 12.23
N CYS A 780 -29.20 24.27 11.57
CA CYS A 780 -29.47 24.36 10.15
C CYS A 780 -28.47 23.55 9.33
N VAL A 781 -27.18 23.67 9.66
CA VAL A 781 -26.16 22.96 8.88
C VAL A 781 -26.23 21.45 9.15
N SER A 782 -26.63 21.05 10.35
CA SER A 782 -26.75 19.62 10.66
C SER A 782 -27.87 18.98 9.84
N VAL A 783 -28.99 19.67 9.70
CA VAL A 783 -30.15 19.14 8.98
C VAL A 783 -29.88 19.11 7.48
N ILE A 784 -29.24 20.16 6.94
CA ILE A 784 -28.88 20.18 5.51
C ILE A 784 -27.91 19.04 5.20
N GLU A 785 -26.88 18.89 6.04
CA GLU A 785 -25.89 17.85 5.83
C GLU A 785 -26.54 16.49 5.86
N ALA A 786 -27.31 16.21 6.92
CA ALA A 786 -27.88 14.89 7.09
C ALA A 786 -28.82 14.54 5.95
N ALA A 787 -29.66 15.48 5.53
CA ALA A 787 -30.63 15.20 4.47
C ALA A 787 -29.92 14.80 3.19
N ILE A 788 -28.81 15.46 2.87
CA ILE A 788 -28.05 15.11 1.68
C ILE A 788 -27.31 13.79 1.89
N LEU A 789 -26.80 13.56 3.08
CA LEU A 789 -26.20 12.26 3.39
C LEU A 789 -27.19 11.13 3.12
N LYS A 790 -28.43 11.27 3.59
CA LYS A 790 -29.45 10.26 3.31
C LYS A 790 -29.59 10.03 1.81
N HIS A 791 -29.63 11.13 1.04
CA HIS A 791 -29.80 11.05 -0.40
C HIS A 791 -28.61 10.35 -1.07
N LYS A 792 -27.39 10.66 -0.63
CA LYS A 792 -26.23 9.97 -1.20
C LYS A 792 -26.23 8.49 -0.82
N TYR A 793 -26.73 8.14 0.36
CA TYR A 793 -26.78 6.73 0.74
C TYR A 793 -27.79 5.98 -0.14
N LYS A 794 -28.97 6.56 -0.35
CA LYS A 794 -29.93 5.93 -1.25
C LYS A 794 -29.37 5.82 -2.67
N GLN A 795 -28.67 6.85 -3.13
CA GLN A 795 -28.03 6.78 -4.44
C GLN A 795 -27.05 5.62 -4.51
N LYS A 796 -26.16 5.50 -3.52
CA LYS A 796 -25.26 4.36 -3.46
C LYS A 796 -26.02 3.04 -3.49
N VAL A 797 -27.23 3.00 -2.91
CA VAL A 797 -28.04 1.78 -2.95
C VAL A 797 -28.67 1.60 -4.32
N ASN A 798 -29.06 2.69 -4.96
CA ASN A 798 -29.72 2.60 -6.26
C ASN A 798 -28.81 2.00 -7.31
N LYS A 799 -27.50 2.21 -7.17
CA LYS A 799 -26.55 1.62 -8.12
C LYS A 799 -26.68 0.11 -8.13
N ASN A 800 -26.88 -0.50 -6.96
CA ASN A 800 -26.83 -1.93 -6.77
C ASN A 800 -28.19 -2.63 -6.92
N ILE A 801 -29.28 -1.90 -7.13
CA ILE A 801 -30.58 -2.55 -7.24
C ILE A 801 -30.63 -3.54 -8.40
N PRO A 802 -30.04 -3.26 -9.58
CA PRO A 802 -30.03 -4.28 -10.62
C PRO A 802 -29.47 -5.62 -10.16
N SER A 803 -28.45 -5.58 -9.29
CA SER A 803 -27.88 -6.80 -8.76
C SER A 803 -28.85 -7.48 -7.80
N LEU A 804 -29.44 -6.69 -6.90
CA LEU A 804 -30.40 -7.22 -5.95
C LEU A 804 -31.58 -7.89 -6.64
N LEU A 805 -32.00 -7.37 -7.78
CA LEU A 805 -33.12 -7.98 -8.48
C LEU A 805 -32.78 -9.41 -8.90
N ARG A 806 -31.50 -9.71 -9.11
CA ARG A 806 -31.09 -11.06 -9.49
C ARG A 806 -31.15 -12.01 -8.29
N VAL A 807 -30.70 -11.54 -7.12
CA VAL A 807 -30.83 -12.33 -5.90
C VAL A 807 -32.29 -12.66 -5.61
N GLN A 808 -33.15 -11.65 -5.68
CA GLN A 808 -34.57 -11.88 -5.42
C GLN A 808 -35.19 -12.79 -6.47
N ALA A 809 -34.73 -12.68 -7.72
CA ALA A 809 -35.27 -13.53 -8.77
C ALA A 809 -34.91 -14.99 -8.52
N HIS A 810 -33.66 -15.22 -8.11
CA HIS A 810 -33.22 -16.60 -7.87
C HIS A 810 -33.80 -17.15 -6.58
N ILE A 811 -34.16 -16.29 -5.62
CA ILE A 811 -34.86 -16.77 -4.44
C ILE A 811 -36.24 -17.28 -4.83
N ARG A 812 -36.98 -16.48 -5.61
CA ARG A 812 -38.31 -16.89 -6.04
C ARG A 812 -38.26 -18.11 -6.95
N LYS A 813 -37.16 -18.29 -7.67
CA LYS A 813 -36.99 -19.53 -8.42
C LYS A 813 -36.88 -20.72 -7.48
N LYS A 814 -35.93 -20.67 -6.54
CA LYS A 814 -35.77 -21.74 -5.56
C LYS A 814 -37.07 -22.04 -4.82
N MET A 815 -37.91 -21.03 -4.57
CA MET A 815 -39.19 -21.30 -3.93
C MET A 815 -40.09 -22.14 -4.81
N VAL A 816 -40.02 -21.96 -6.12
CA VAL A 816 -40.83 -22.78 -7.02
C VAL A 816 -40.33 -24.22 -6.99
N ALA A 817 -39.01 -24.41 -7.05
CA ALA A 817 -38.42 -25.75 -7.02
C ALA A 817 -38.78 -26.54 -5.78
N GLN A 818 -39.25 -25.87 -4.72
CA GLN A 818 -39.69 -26.55 -3.49
C GLN A 818 -41.18 -26.82 -3.59
N GLU B 74 -35.99 -28.35 -24.15
CA GLU B 74 -36.94 -27.70 -25.06
C GLU B 74 -38.30 -28.39 -25.06
N SER B 75 -38.35 -29.67 -24.70
CA SER B 75 -39.65 -30.32 -24.58
C SER B 75 -40.42 -29.79 -23.38
N ASP B 76 -39.74 -29.68 -22.23
CA ASP B 76 -40.40 -29.26 -20.98
C ASP B 76 -41.06 -27.91 -21.12
N VAL B 77 -40.42 -26.99 -21.84
CA VAL B 77 -40.99 -25.71 -22.25
C VAL B 77 -42.43 -25.89 -22.71
N ARG B 78 -42.63 -26.85 -23.62
CA ARG B 78 -43.94 -26.99 -24.26
C ARG B 78 -44.97 -27.61 -23.33
N ILE B 79 -44.57 -28.57 -22.48
CA ILE B 79 -45.57 -29.12 -21.56
C ILE B 79 -45.98 -28.08 -20.53
N TYR B 80 -45.01 -27.33 -20.00
CA TYR B 80 -45.32 -26.30 -19.03
C TYR B 80 -46.26 -25.24 -19.61
N PHE B 81 -46.03 -24.85 -20.87
CA PHE B 81 -46.94 -23.94 -21.55
C PHE B 81 -48.36 -24.50 -21.59
N ASN B 82 -48.48 -25.78 -21.96
CA ASN B 82 -49.80 -26.36 -22.14
C ASN B 82 -50.54 -26.55 -20.82
N GLU B 83 -49.83 -26.68 -19.70
CA GLU B 83 -50.51 -26.78 -18.41
C GLU B 83 -51.26 -25.49 -18.06
N LYS B 84 -50.71 -24.35 -18.49
CA LYS B 84 -51.17 -23.03 -18.03
C LYS B 84 -51.89 -22.22 -19.12
N SER B 85 -51.93 -22.70 -20.35
CA SER B 85 -52.41 -21.92 -21.48
C SER B 85 -53.94 -21.96 -21.57
N SER B 86 -54.56 -20.79 -21.49
CA SER B 86 -55.98 -20.64 -21.77
C SER B 86 -56.14 -20.00 -23.14
N GLY B 87 -56.90 -20.66 -24.03
CA GLY B 87 -57.14 -20.14 -25.36
C GLY B 87 -55.90 -19.96 -26.20
N GLY B 88 -54.86 -20.76 -25.96
CA GLY B 88 -53.64 -20.65 -26.73
C GLY B 88 -52.68 -19.59 -26.28
N LYS B 89 -53.11 -18.67 -25.41
CA LYS B 89 -52.24 -17.67 -24.83
C LYS B 89 -51.93 -18.04 -23.39
N ILE B 90 -50.80 -17.53 -22.88
CA ILE B 90 -50.40 -17.76 -21.50
C ILE B 90 -50.21 -16.42 -20.79
N SER B 91 -50.72 -16.32 -19.56
CA SER B 91 -50.57 -15.11 -18.79
C SER B 91 -49.11 -14.89 -18.40
N ILE B 92 -48.78 -13.66 -18.00
CA ILE B 92 -47.39 -13.39 -17.66
C ILE B 92 -47.02 -14.04 -16.35
N ASP B 93 -47.97 -14.13 -15.41
CA ASP B 93 -47.66 -14.73 -14.12
C ASP B 93 -47.34 -16.21 -14.27
N ASN B 94 -48.17 -16.93 -15.02
CA ASN B 94 -47.88 -18.33 -15.29
C ASN B 94 -46.64 -18.50 -16.15
N ALA B 95 -46.40 -17.57 -17.09
CA ALA B 95 -45.17 -17.67 -17.88
C ALA B 95 -43.95 -17.47 -17.01
N SER B 96 -44.07 -16.65 -15.96
CA SER B 96 -42.96 -16.49 -15.03
C SER B 96 -42.84 -17.69 -14.11
N TYR B 97 -43.97 -18.30 -13.73
CA TYR B 97 -43.91 -19.54 -12.97
C TYR B 97 -43.32 -20.67 -13.82
N ASN B 98 -43.76 -20.79 -15.08
CA ASN B 98 -43.13 -21.72 -16.01
C ASN B 98 -41.62 -21.51 -16.10
N ALA B 99 -41.18 -20.25 -16.08
CA ALA B 99 -39.75 -19.96 -16.25
C ALA B 99 -38.94 -20.34 -15.03
N ARG B 100 -39.53 -20.23 -13.84
CA ARG B 100 -38.84 -20.65 -12.62
C ARG B 100 -38.82 -22.17 -12.52
N LYS B 101 -39.98 -22.81 -12.79
CA LYS B 101 -40.04 -24.26 -12.96
C LYS B 101 -38.97 -24.75 -13.94
N LEU B 102 -38.62 -23.94 -14.94
CA LEU B 102 -37.61 -24.31 -15.91
C LEU B 102 -36.21 -23.96 -15.46
N GLY B 103 -36.06 -23.48 -14.23
CA GLY B 103 -34.76 -23.15 -13.69
C GLY B 103 -34.26 -21.75 -13.99
N LEU B 104 -35.10 -20.88 -14.54
CA LEU B 104 -34.71 -19.51 -14.86
C LEU B 104 -35.21 -18.54 -13.79
N ALA B 105 -34.60 -17.35 -13.76
CA ALA B 105 -34.85 -16.37 -12.71
C ALA B 105 -35.35 -15.05 -13.29
N PRO B 106 -36.62 -14.97 -13.69
CA PRO B 106 -37.17 -13.69 -14.14
C PRO B 106 -37.31 -12.71 -13.00
N SER B 107 -37.19 -11.43 -13.34
CA SER B 107 -37.44 -10.32 -12.42
C SER B 107 -38.54 -9.45 -13.02
N SER B 108 -38.92 -8.40 -12.29
CA SER B 108 -39.97 -7.52 -12.80
C SER B 108 -39.49 -6.72 -14.01
N ILE B 109 -38.18 -6.55 -14.18
CA ILE B 109 -37.63 -5.89 -15.37
C ILE B 109 -37.98 -6.67 -16.63
N ASP B 110 -37.73 -7.98 -16.62
CA ASP B 110 -38.12 -8.81 -17.74
C ASP B 110 -39.63 -8.76 -17.94
N GLU B 111 -40.40 -8.87 -16.86
CA GLU B 111 -41.85 -8.87 -16.95
C GLU B 111 -42.38 -7.54 -17.47
N LYS B 112 -41.64 -6.44 -17.24
CA LYS B 112 -42.05 -5.17 -17.82
C LYS B 112 -41.72 -5.09 -19.30
N LYS B 113 -40.53 -5.59 -19.69
CA LYS B 113 -40.13 -5.58 -21.10
C LYS B 113 -41.12 -6.36 -21.96
N ILE B 114 -41.55 -7.52 -21.48
CA ILE B 114 -42.49 -8.34 -22.25
C ILE B 114 -43.93 -7.80 -22.19
N LYS B 115 -44.25 -6.95 -21.23
CA LYS B 115 -45.56 -6.29 -21.22
C LYS B 115 -45.63 -5.20 -22.29
N GLU B 116 -44.53 -4.43 -22.43
CA GLU B 116 -44.46 -3.37 -23.43
C GLU B 116 -44.68 -3.90 -24.84
N LEU B 117 -44.21 -5.12 -25.11
CA LEU B 117 -44.32 -5.69 -26.45
C LEU B 117 -45.68 -6.31 -26.70
N TYR B 118 -46.13 -7.23 -25.84
CA TYR B 118 -47.30 -8.03 -26.18
C TYR B 118 -48.43 -7.99 -25.16
N GLY B 119 -48.34 -7.18 -24.12
CA GLY B 119 -49.41 -7.14 -23.14
C GLY B 119 -49.26 -8.20 -22.08
N ASP B 120 -50.37 -8.61 -21.46
CA ASP B 120 -50.35 -9.55 -20.35
C ASP B 120 -50.66 -10.99 -20.76
N ASN B 121 -50.88 -11.25 -22.04
CA ASN B 121 -51.13 -12.62 -22.51
C ASN B 121 -50.30 -12.87 -23.77
N LEU B 122 -49.33 -13.77 -23.67
CA LEU B 122 -48.43 -14.11 -24.76
C LEU B 122 -48.91 -15.34 -25.52
N THR B 123 -48.73 -15.32 -26.84
CA THR B 123 -48.85 -16.53 -27.64
C THR B 123 -47.63 -17.42 -27.39
N TYR B 124 -47.71 -18.67 -27.86
CA TYR B 124 -46.59 -19.58 -27.66
C TYR B 124 -45.31 -19.01 -28.27
N GLU B 125 -45.43 -18.31 -29.38
CA GLU B 125 -44.27 -17.65 -29.98
C GLU B 125 -43.72 -16.58 -29.06
N GLN B 126 -44.58 -15.71 -28.54
CA GLN B 126 -44.13 -14.63 -27.66
C GLN B 126 -43.70 -15.17 -26.30
N TYR B 127 -44.39 -16.20 -25.81
CA TYR B 127 -43.97 -16.89 -24.59
C TYR B 127 -42.54 -17.41 -24.72
N LEU B 128 -42.19 -17.94 -25.89
CA LEU B 128 -40.82 -18.36 -26.13
C LEU B 128 -39.86 -17.20 -26.07
N GLU B 129 -40.24 -16.07 -26.68
CA GLU B 129 -39.38 -14.89 -26.63
C GLU B 129 -39.11 -14.48 -25.19
N TYR B 130 -40.14 -14.59 -24.33
CA TYR B 130 -40.00 -14.22 -22.94
C TYR B 130 -39.02 -15.13 -22.21
N LEU B 131 -39.18 -16.45 -22.36
CA LEU B 131 -38.23 -17.39 -21.80
C LEU B 131 -36.82 -17.07 -22.25
N SER B 132 -36.69 -16.62 -23.50
CA SER B 132 -35.39 -16.16 -24.02
C SER B 132 -34.85 -14.99 -23.23
N ILE B 133 -35.72 -14.02 -22.90
CA ILE B 133 -35.31 -12.83 -22.15
C ILE B 133 -34.83 -13.20 -20.74
N CYS B 134 -35.44 -14.22 -20.12
CA CYS B 134 -35.16 -14.58 -18.74
C CYS B 134 -33.87 -15.38 -18.54
N VAL B 135 -33.02 -15.45 -19.56
CA VAL B 135 -31.82 -16.29 -19.46
C VAL B 135 -30.81 -15.68 -18.51
N HIS B 136 -30.40 -14.43 -18.77
CA HIS B 136 -29.44 -13.72 -17.95
C HIS B 136 -28.16 -14.53 -17.79
N ASP B 137 -27.31 -14.51 -18.82
CA ASP B 137 -26.05 -15.26 -18.78
C ASP B 137 -25.05 -14.63 -17.83
N LYS B 138 -25.10 -13.32 -17.71
CA LYS B 138 -24.22 -12.53 -16.86
C LYS B 138 -24.42 -12.83 -15.34
N ASP B 139 -25.23 -13.82 -14.99
CA ASP B 139 -25.52 -14.14 -13.59
C ASP B 139 -24.41 -14.99 -13.00
N ASN B 140 -23.73 -14.46 -11.98
CA ASN B 140 -22.69 -15.19 -11.27
C ASN B 140 -22.58 -14.60 -9.86
N VAL B 141 -21.76 -15.24 -9.02
CA VAL B 141 -21.64 -14.80 -7.63
C VAL B 141 -21.15 -13.36 -7.57
N GLU B 142 -20.15 -13.01 -8.37
CA GLU B 142 -19.62 -11.65 -8.33
C GLU B 142 -20.72 -10.61 -8.55
N GLU B 143 -21.68 -10.91 -9.43
CA GLU B 143 -22.73 -9.94 -9.72
C GLU B 143 -23.80 -9.90 -8.65
N LEU B 144 -24.25 -11.06 -8.15
CA LEU B 144 -25.37 -11.09 -7.22
C LEU B 144 -25.03 -10.45 -5.87
N ILE B 145 -23.76 -10.45 -5.46
CA ILE B 145 -23.38 -10.04 -4.12
C ILE B 145 -23.20 -8.54 -4.00
N LYS B 146 -23.53 -7.79 -5.05
CA LYS B 146 -23.16 -6.38 -5.08
C LYS B 146 -23.82 -5.59 -3.96
N MET B 147 -25.11 -5.85 -3.71
CA MET B 147 -25.79 -5.12 -2.63
C MET B 147 -25.35 -5.60 -1.25
N PHE B 148 -25.09 -6.89 -1.08
CA PHE B 148 -24.64 -7.36 0.23
C PHE B 148 -23.24 -6.81 0.53
N ALA B 149 -22.33 -6.88 -0.45
CA ALA B 149 -20.98 -6.37 -0.23
C ALA B 149 -21.02 -4.89 0.12
N HIS B 150 -21.94 -4.14 -0.48
CA HIS B 150 -22.05 -2.71 -0.21
C HIS B 150 -22.25 -2.42 1.28
N PHE B 151 -22.97 -3.29 1.99
CA PHE B 151 -23.21 -3.07 3.41
C PHE B 151 -22.22 -3.79 4.30
N ASP B 152 -21.34 -4.59 3.73
CA ASP B 152 -20.24 -5.25 4.44
C ASP B 152 -19.08 -4.26 4.55
N ASN B 153 -19.16 -3.38 5.55
CA ASN B 153 -18.20 -2.27 5.60
C ASN B 153 -16.79 -2.77 5.89
N ASN B 154 -16.63 -3.80 6.72
CA ASN B 154 -15.31 -4.30 7.08
C ASN B 154 -14.81 -5.43 6.19
N CYS B 155 -15.55 -5.74 5.12
CA CYS B 155 -15.24 -6.83 4.18
C CYS B 155 -14.91 -8.12 4.91
N THR B 156 -15.83 -8.51 5.79
CA THR B 156 -15.70 -9.81 6.42
C THR B 156 -16.21 -10.92 5.53
N GLY B 157 -17.00 -10.60 4.51
CA GLY B 157 -17.70 -11.61 3.76
C GLY B 157 -18.97 -12.11 4.40
N TYR B 158 -19.30 -11.65 5.60
CA TYR B 158 -20.49 -12.07 6.32
C TYR B 158 -21.44 -10.89 6.53
N LEU B 159 -22.74 -11.19 6.58
CA LEU B 159 -23.75 -10.28 7.07
C LEU B 159 -24.70 -11.05 7.99
N THR B 160 -25.37 -10.36 8.90
CA THR B 160 -26.30 -11.08 9.76
C THR B 160 -27.59 -11.40 8.99
N LYS B 161 -28.41 -12.27 9.56
CA LYS B 161 -29.69 -12.58 8.92
C LYS B 161 -30.58 -11.36 8.90
N SER B 162 -30.55 -10.55 9.96
CA SER B 162 -31.38 -9.37 9.99
C SER B 162 -30.92 -8.37 8.93
N GLN B 163 -29.60 -8.27 8.73
CA GLN B 163 -29.10 -7.36 7.70
C GLN B 163 -29.58 -7.77 6.33
N MET B 164 -29.45 -9.06 6.01
CA MET B 164 -29.89 -9.51 4.70
C MET B 164 -31.41 -9.52 4.57
N LYS B 165 -32.13 -9.76 5.66
CA LYS B 165 -33.58 -9.68 5.59
C LYS B 165 -34.01 -8.25 5.27
N ASN B 166 -33.36 -7.27 5.87
CA ASN B 166 -33.71 -5.88 5.65
C ASN B 166 -33.42 -5.46 4.22
N ILE B 167 -32.30 -5.92 3.66
CA ILE B 167 -31.98 -5.64 2.27
C ILE B 167 -33.01 -6.26 1.33
N LEU B 168 -33.36 -7.53 1.57
CA LEU B 168 -34.22 -8.26 0.64
C LEU B 168 -35.66 -7.79 0.68
N THR B 169 -36.11 -7.19 1.78
CA THR B 169 -37.51 -6.81 1.92
C THR B 169 -37.76 -5.32 1.77
N THR B 170 -36.75 -4.53 1.42
CA THR B 170 -36.89 -3.08 1.34
C THR B 170 -36.77 -2.54 -0.08
N TRP B 171 -35.75 -2.94 -0.84
CA TRP B 171 -35.53 -2.41 -2.17
C TRP B 171 -35.74 -3.49 -3.23
N GLY B 172 -35.98 -3.03 -4.46
CA GLY B 172 -36.09 -3.95 -5.58
C GLY B 172 -37.44 -4.64 -5.64
N ASP B 173 -37.42 -5.88 -6.12
CA ASP B 173 -38.60 -6.73 -6.12
C ASP B 173 -38.71 -7.38 -4.74
N ALA B 174 -39.06 -6.54 -3.77
CA ALA B 174 -38.93 -6.88 -2.37
C ALA B 174 -39.69 -8.14 -2.02
N LEU B 175 -39.04 -9.02 -1.26
CA LEU B 175 -39.73 -10.18 -0.73
C LEU B 175 -40.54 -9.78 0.49
N THR B 176 -41.52 -10.62 0.85
CA THR B 176 -42.17 -10.43 2.12
C THR B 176 -41.23 -10.84 3.26
N ASP B 177 -41.62 -10.55 4.49
CA ASP B 177 -40.71 -10.81 5.59
C ASP B 177 -40.56 -12.30 5.85
N GLN B 178 -41.65 -13.06 5.70
CA GLN B 178 -41.54 -14.51 5.83
C GLN B 178 -40.73 -15.11 4.68
N GLU B 179 -40.86 -14.55 3.48
CA GLU B 179 -40.13 -15.07 2.34
C GLU B 179 -38.63 -14.91 2.55
N ALA B 180 -38.20 -13.74 2.99
CA ALA B 180 -36.78 -13.52 3.22
C ALA B 180 -36.28 -14.42 4.34
N ILE B 181 -37.01 -14.45 5.47
CA ILE B 181 -36.61 -15.26 6.60
C ILE B 181 -36.48 -16.73 6.20
N ASP B 182 -37.50 -17.25 5.51
CA ASP B 182 -37.49 -18.64 5.11
C ASP B 182 -36.28 -18.96 4.25
N ALA B 183 -35.86 -18.02 3.42
CA ALA B 183 -34.74 -18.28 2.52
C ALA B 183 -33.41 -18.26 3.25
N LEU B 184 -33.27 -17.40 4.27
CA LEU B 184 -32.02 -17.37 5.01
C LEU B 184 -31.94 -18.53 6.00
N ASN B 185 -33.05 -18.87 6.64
CA ASN B 185 -33.05 -20.02 7.53
C ASN B 185 -32.78 -21.32 6.80
N ALA B 186 -33.21 -21.44 5.54
CA ALA B 186 -32.95 -22.68 4.81
C ALA B 186 -31.50 -22.77 4.34
N PHE B 187 -30.77 -21.66 4.30
CA PHE B 187 -29.37 -21.73 3.92
C PHE B 187 -28.48 -22.06 5.09
N SER B 188 -28.65 -21.37 6.21
CA SER B 188 -27.88 -21.64 7.41
C SER B 188 -28.75 -21.45 8.64
N SER B 189 -28.29 -22.03 9.75
CA SER B 189 -28.98 -21.92 11.02
C SER B 189 -28.30 -20.94 11.97
N GLU B 190 -27.10 -20.47 11.64
CA GLU B 190 -26.41 -19.47 12.46
C GLU B 190 -26.69 -18.07 11.90
N ASP B 191 -26.52 -17.06 12.77
CA ASP B 191 -26.95 -15.70 12.46
C ASP B 191 -26.08 -15.04 11.36
N ASN B 192 -24.80 -15.36 11.25
CA ASN B 192 -23.91 -14.68 10.30
C ASN B 192 -23.76 -15.51 9.03
N ILE B 193 -24.08 -14.92 7.89
CA ILE B 193 -24.19 -15.65 6.63
C ILE B 193 -23.08 -15.20 5.69
N ASP B 194 -22.40 -16.17 5.10
CA ASP B 194 -21.45 -15.94 4.02
C ASP B 194 -22.27 -15.58 2.78
N TYR B 195 -22.34 -14.29 2.44
CA TYR B 195 -23.26 -13.91 1.36
C TYR B 195 -22.74 -14.35 -0.01
N LYS B 196 -21.45 -14.63 -0.13
CA LYS B 196 -20.92 -15.24 -1.35
C LYS B 196 -21.44 -16.66 -1.51
N LEU B 197 -21.52 -17.42 -0.43
CA LEU B 197 -22.04 -18.78 -0.51
C LEU B 197 -23.56 -18.80 -0.57
N PHE B 198 -24.23 -17.81 0.04
CA PHE B 198 -25.68 -17.72 -0.12
C PHE B 198 -26.06 -17.50 -1.58
N CYS B 199 -25.32 -16.61 -2.26
CA CYS B 199 -25.63 -16.30 -3.65
C CYS B 199 -25.27 -17.46 -4.56
N GLU B 200 -24.19 -18.16 -4.25
CA GLU B 200 -23.87 -19.38 -4.97
C GLU B 200 -24.97 -20.41 -4.82
N ASP B 201 -25.51 -20.57 -3.60
CA ASP B 201 -26.45 -21.66 -3.35
C ASP B 201 -27.75 -21.46 -4.12
N ILE B 202 -28.22 -20.20 -4.23
CA ILE B 202 -29.46 -19.95 -4.95
C ILE B 202 -29.25 -19.97 -6.46
N LEU B 203 -28.01 -19.83 -6.93
CA LEU B 203 -27.71 -19.79 -8.35
C LEU B 203 -27.92 -21.14 -9.03
N GLN B 204 -28.08 -22.22 -8.27
CA GLN B 204 -28.41 -23.53 -8.83
C GLN B 204 -29.92 -23.73 -8.84
N ALA C 2 -53.81 12.12 6.42
CA ALA C 2 -53.17 10.85 6.77
C ALA C 2 -51.65 10.98 6.79
N SER C 3 -51.00 10.77 5.63
CA SER C 3 -49.58 11.07 5.40
C SER C 3 -48.64 10.21 6.25
N ASP C 4 -48.70 8.90 6.04
CA ASP C 4 -47.88 7.99 6.84
C ASP C 4 -46.43 7.99 6.40
N MET C 5 -45.51 8.07 7.37
CA MET C 5 -44.08 8.20 7.13
C MET C 5 -43.28 6.96 7.51
N GLU C 6 -43.93 5.90 7.98
CA GLU C 6 -43.21 4.76 8.54
C GLU C 6 -42.29 4.08 7.53
N GLU C 7 -42.76 3.88 6.29
CA GLU C 7 -41.90 3.25 5.30
C GLU C 7 -40.63 4.07 5.05
N LYS C 8 -40.72 5.40 5.11
CA LYS C 8 -39.55 6.24 4.90
C LYS C 8 -38.66 6.28 6.13
N PHE C 9 -39.27 6.31 7.32
CA PHE C 9 -38.53 6.24 8.58
C PHE C 9 -37.72 4.95 8.64
N ARG C 10 -38.35 3.84 8.25
CA ARG C 10 -37.71 2.53 8.28
C ARG C 10 -36.55 2.43 7.30
N GLU C 11 -36.74 2.90 6.07
CA GLU C 11 -35.66 2.83 5.09
C GLU C 11 -34.48 3.70 5.47
N ALA C 12 -34.74 4.85 6.10
CA ALA C 12 -33.66 5.74 6.49
C ALA C 12 -32.84 5.14 7.61
N PHE C 13 -33.51 4.51 8.59
CA PHE C 13 -32.80 3.83 9.67
C PHE C 13 -31.78 2.85 9.12
N ILE C 14 -32.22 1.91 8.29
CA ILE C 14 -31.31 0.91 7.75
C ILE C 14 -30.28 1.52 6.82
N LEU C 15 -30.55 2.70 6.26
CA LEU C 15 -29.53 3.39 5.47
C LEU C 15 -28.40 3.88 6.35
N PHE C 16 -28.71 4.36 7.56
CA PHE C 16 -27.67 4.87 8.45
C PHE C 16 -27.08 3.80 9.34
N SER C 17 -27.75 2.66 9.47
CA SER C 17 -27.29 1.59 10.34
C SER C 17 -26.63 0.45 9.56
N SER C 18 -26.51 0.59 8.24
CA SER C 18 -26.00 -0.48 7.37
C SER C 18 -26.82 -1.76 7.50
N CYS C 19 -28.14 -1.58 7.65
CA CYS C 19 -29.16 -2.61 7.56
C CYS C 19 -29.25 -3.44 8.82
N SER C 20 -28.55 -3.05 9.88
CA SER C 20 -28.67 -3.71 11.16
C SER C 20 -29.88 -3.14 11.92
N ASP C 21 -30.52 -3.96 12.76
CA ASP C 21 -31.68 -3.45 13.49
C ASP C 21 -31.32 -2.50 14.64
N HIS C 22 -30.04 -2.29 14.88
CA HIS C 22 -29.54 -1.37 15.88
C HIS C 22 -28.67 -0.35 15.19
N ILE C 23 -28.66 0.86 15.74
CA ILE C 23 -27.94 2.00 15.18
C ILE C 23 -27.10 2.58 16.31
N GLU C 24 -25.89 3.01 15.99
CA GLU C 24 -25.08 3.66 16.99
C GLU C 24 -25.59 5.09 17.22
N MET C 25 -25.26 5.62 18.40
CA MET C 25 -25.78 6.92 18.81
C MET C 25 -25.41 8.03 17.83
N TYR C 26 -24.16 8.07 17.36
CA TYR C 26 -23.74 9.09 16.41
C TYR C 26 -24.53 9.01 15.11
N LYS C 27 -24.72 7.78 14.61
CA LYS C 27 -25.51 7.54 13.41
C LYS C 27 -26.98 7.88 13.64
N PHE C 28 -27.47 7.70 14.87
CA PHE C 28 -28.84 8.04 15.19
C PHE C 28 -29.06 9.54 15.11
N PHE C 29 -28.08 10.34 15.54
CA PHE C 29 -28.20 11.79 15.44
C PHE C 29 -28.28 12.23 13.99
N GLU C 30 -27.53 11.59 13.10
CA GLU C 30 -27.62 11.90 11.67
C GLU C 30 -29.00 11.53 11.13
N LEU C 31 -29.45 10.31 11.45
CA LEU C 31 -30.74 9.82 11.01
C LEU C 31 -31.83 10.80 11.37
N MET C 32 -31.90 11.21 12.63
CA MET C 32 -32.99 12.09 13.03
C MET C 32 -32.85 13.47 12.39
N ASN C 33 -31.61 13.95 12.24
CA ASN C 33 -31.35 15.23 11.59
C ASN C 33 -31.79 15.23 10.13
N SER C 34 -31.71 14.09 9.45
CA SER C 34 -32.13 14.02 8.04
C SER C 34 -33.63 14.13 7.89
N PHE C 35 -34.38 14.12 8.99
CA PHE C 35 -35.80 14.41 8.98
C PHE C 35 -36.12 15.70 9.72
N GLY C 36 -35.13 16.58 9.86
CA GLY C 36 -35.34 17.85 10.50
C GLY C 36 -35.44 17.81 12.01
N ILE C 37 -35.21 16.64 12.63
CA ILE C 37 -35.40 16.49 14.07
C ILE C 37 -34.13 16.92 14.79
N ILE C 38 -34.31 17.81 15.76
CA ILE C 38 -33.23 18.39 16.53
C ILE C 38 -33.55 18.13 18.00
N LEU C 39 -32.57 17.63 18.73
CA LEU C 39 -32.73 17.41 20.16
C LEU C 39 -31.80 18.34 20.91
N THR C 40 -32.21 18.72 22.13
CA THR C 40 -31.30 19.43 23.02
C THR C 40 -30.30 18.46 23.63
N ASN C 41 -29.35 19.01 24.39
CA ASN C 41 -28.34 18.15 25.02
C ASN C 41 -28.98 17.25 26.08
N ASP C 42 -29.93 17.79 26.84
CA ASP C 42 -30.58 17.01 27.88
C ASP C 42 -31.48 15.94 27.28
N GLU C 43 -32.19 16.27 26.20
CA GLU C 43 -32.96 15.25 25.50
C GLU C 43 -32.04 14.17 24.97
N LYS C 44 -30.88 14.55 24.43
CA LYS C 44 -29.92 13.56 23.94
C LYS C 44 -29.48 12.61 25.03
N ALA C 45 -29.26 13.13 26.25
CA ALA C 45 -28.80 12.30 27.35
C ALA C 45 -29.83 11.23 27.72
N ALA C 46 -31.11 11.57 27.62
CA ALA C 46 -32.17 10.66 28.04
C ALA C 46 -32.46 9.56 27.02
N LEU C 47 -31.73 9.50 25.91
CA LEU C 47 -31.98 8.46 24.93
C LEU C 47 -31.43 7.13 25.44
N PRO C 48 -32.05 6.01 25.04
CA PRO C 48 -31.43 4.71 25.31
C PRO C 48 -30.04 4.64 24.71
N ASN C 49 -29.23 3.75 25.26
CA ASN C 49 -27.87 3.63 24.76
C ASN C 49 -27.78 2.75 23.53
N ASP C 50 -28.73 1.83 23.34
CA ASP C 50 -28.71 0.83 22.26
C ASP C 50 -30.01 0.93 21.44
N ILE C 51 -30.12 2.00 20.65
CA ILE C 51 -31.36 2.36 19.97
C ILE C 51 -31.65 1.37 18.84
N ASN C 52 -32.81 0.71 18.89
CA ASN C 52 -33.20 -0.21 17.82
C ASN C 52 -34.29 0.40 16.94
N MET C 53 -34.55 -0.28 15.81
CA MET C 53 -35.56 0.17 14.83
C MET C 53 -36.86 0.63 15.47
N ASP C 54 -37.49 -0.22 16.28
CA ASP C 54 -38.78 0.10 16.88
C ASP C 54 -38.71 1.37 17.73
N TYR C 55 -37.63 1.58 18.47
CA TYR C 55 -37.50 2.81 19.24
C TYR C 55 -37.52 4.03 18.30
N TRP C 56 -36.75 3.97 17.21
CA TRP C 56 -36.70 5.06 16.25
C TRP C 56 -38.08 5.31 15.60
N LEU C 57 -38.75 4.24 15.17
CA LEU C 57 -40.05 4.38 14.56
C LEU C 57 -41.03 5.10 15.48
N ASN C 58 -40.89 4.88 16.78
CA ASN C 58 -41.76 5.53 17.75
C ASN C 58 -41.32 6.96 18.02
N PHE C 59 -40.01 7.18 18.12
CA PHE C 59 -39.44 8.51 18.31
C PHE C 59 -39.72 9.43 17.11
N ALA C 60 -39.58 8.91 15.89
CA ALA C 60 -39.82 9.70 14.69
C ALA C 60 -41.27 10.18 14.64
N LYS C 61 -42.22 9.26 14.86
CA LYS C 61 -43.63 9.63 14.89
C LYS C 61 -43.90 10.83 15.81
N LYS C 62 -43.20 10.89 16.95
CA LYS C 62 -43.46 11.88 17.97
C LYS C 62 -42.73 13.18 17.74
N HIS C 63 -41.57 13.13 17.07
CA HIS C 63 -40.71 14.29 16.94
C HIS C 63 -40.73 14.91 15.55
N TYR C 64 -41.12 14.16 14.52
CA TYR C 64 -41.11 14.68 13.16
C TYR C 64 -42.20 15.74 13.00
N ASN C 65 -41.87 16.80 12.27
CA ASN C 65 -42.81 17.88 11.97
C ASN C 65 -43.43 17.60 10.60
N TYR C 66 -44.67 17.10 10.62
CA TYR C 66 -45.31 16.71 9.36
C TYR C 66 -45.72 17.91 8.53
N GLU C 67 -46.02 19.04 9.19
CA GLU C 67 -46.43 20.25 8.49
C GLU C 67 -45.25 21.06 7.98
N GLN C 68 -44.12 20.99 8.67
CA GLN C 68 -42.93 21.78 8.33
C GLN C 68 -41.71 20.92 8.61
N PRO C 69 -41.43 19.93 7.75
CA PRO C 69 -40.33 18.98 8.03
C PRO C 69 -39.01 19.63 8.30
N PHE C 70 -38.68 20.71 7.59
CA PHE C 70 -37.37 21.36 7.71
C PHE C 70 -37.52 22.74 8.32
N LYS C 71 -38.34 22.83 9.38
CA LYS C 71 -38.58 24.09 10.07
C LYS C 71 -37.30 24.70 10.60
N HIS C 72 -36.28 23.88 10.87
CA HIS C 72 -35.04 24.39 11.44
C HIS C 72 -34.05 24.91 10.39
N ILE C 73 -34.37 24.75 9.11
CA ILE C 73 -33.67 25.45 8.04
C ILE C 73 -34.31 26.81 7.79
N ASN C 74 -35.64 26.86 7.88
CA ASN C 74 -36.40 28.08 7.63
C ASN C 74 -37.80 27.88 8.21
N ASN C 75 -38.24 28.82 9.04
CA ASN C 75 -39.53 28.70 9.72
C ASN C 75 -40.54 29.61 9.03
N VAL C 76 -41.58 29.00 8.46
CA VAL C 76 -42.65 29.74 7.79
C VAL C 76 -43.43 30.60 8.78
N ASN C 77 -43.53 30.19 10.04
CA ASN C 77 -44.25 30.94 11.08
C ASN C 77 -43.45 32.08 11.68
N GLU C 78 -42.69 32.81 10.85
CA GLU C 78 -41.96 33.99 11.27
C GLU C 78 -41.95 34.99 10.12
N GLN C 79 -41.55 36.23 10.41
CA GLN C 79 -41.58 37.28 9.39
C GLN C 79 -40.20 37.74 8.95
N VAL C 83 -35.26 34.98 3.95
CA VAL C 83 -33.92 34.73 4.45
C VAL C 83 -32.94 34.29 3.35
N GLN C 84 -31.76 34.92 3.32
CA GLN C 84 -30.86 34.80 2.19
C GLN C 84 -29.41 34.98 2.65
N ILE C 85 -28.48 34.26 2.01
CA ILE C 85 -27.06 34.30 2.36
C ILE C 85 -26.22 34.09 1.10
N LYS C 86 -25.11 34.82 0.98
CA LYS C 86 -24.24 34.71 -0.17
C LYS C 86 -23.62 33.33 -0.24
N ILE C 87 -23.39 32.86 -1.47
CA ILE C 87 -22.99 31.46 -1.67
C ILE C 87 -21.68 31.15 -0.94
N ASP C 88 -20.62 31.91 -1.26
CA ASP C 88 -19.32 31.65 -0.65
C ASP C 88 -19.37 31.81 0.86
N ASN C 89 -20.23 32.70 1.36
CA ASN C 89 -20.48 32.75 2.80
C ASN C 89 -21.13 31.46 3.28
N PHE C 90 -22.17 31.00 2.58
CA PHE C 90 -22.85 29.78 2.99
C PHE C 90 -21.90 28.59 2.97
N LEU C 91 -21.10 28.48 1.91
CA LEU C 91 -20.11 27.41 1.87
C LEU C 91 -19.15 27.53 3.04
N GLY C 92 -18.68 28.74 3.34
CA GLY C 92 -17.76 28.92 4.45
C GLY C 92 -18.33 28.40 5.76
N ILE C 93 -19.63 28.64 5.99
CA ILE C 93 -20.25 28.19 7.23
C ILE C 93 -20.30 26.66 7.28
N MET C 94 -20.60 26.01 6.16
CA MET C 94 -20.55 24.55 6.12
C MET C 94 -19.17 24.05 6.51
N LYS C 95 -18.12 24.66 5.95
CA LYS C 95 -16.77 24.21 6.22
C LYS C 95 -16.36 24.56 7.66
N ALA C 96 -16.76 25.73 8.15
CA ALA C 96 -16.43 26.07 9.53
C ALA C 96 -17.02 25.06 10.51
N LEU C 97 -18.27 24.64 10.28
CA LEU C 97 -18.93 23.68 11.15
C LEU C 97 -18.57 22.23 10.82
N ASP C 98 -17.51 22.04 10.01
CA ASP C 98 -16.87 20.75 9.78
C ASP C 98 -17.87 19.72 9.24
N THR C 99 -18.25 19.92 7.99
CA THR C 99 -19.29 19.08 7.43
C THR C 99 -18.70 17.83 6.79
N ARG C 100 -19.48 16.75 6.84
CA ARG C 100 -19.16 15.49 6.18
C ARG C 100 -19.31 15.58 4.67
N LEU C 101 -19.84 16.67 4.14
CA LEU C 101 -20.17 16.77 2.73
C LEU C 101 -18.91 17.04 1.91
N THR C 102 -18.68 16.21 0.90
CA THR C 102 -17.55 16.41 0.02
C THR C 102 -17.80 17.63 -0.88
N GLU C 103 -16.85 17.91 -1.76
CA GLU C 103 -17.01 19.06 -2.63
C GLU C 103 -18.10 18.84 -3.67
N SER C 104 -18.32 17.59 -4.07
CA SER C 104 -19.34 17.30 -5.07
C SER C 104 -20.75 17.39 -4.47
N ASP C 105 -20.95 16.78 -3.30
CA ASP C 105 -22.24 16.87 -2.60
C ASP C 105 -22.68 18.32 -2.43
N LEU C 106 -21.73 19.20 -2.12
CA LEU C 106 -22.06 20.62 -2.00
C LEU C 106 -22.55 21.18 -3.33
N ASN C 107 -22.02 20.67 -4.44
CA ASN C 107 -22.40 21.21 -5.73
C ASN C 107 -23.80 20.75 -6.14
N ILE C 108 -24.14 19.50 -5.83
CA ILE C 108 -25.50 19.03 -6.08
C ILE C 108 -26.49 19.86 -5.27
N LEU C 109 -26.19 20.14 -4.00
CA LEU C 109 -27.00 21.03 -3.17
C LEU C 109 -27.22 22.36 -3.88
N LEU C 110 -26.12 22.95 -4.37
CA LEU C 110 -26.18 24.33 -4.82
C LEU C 110 -26.97 24.48 -6.10
N GLN C 111 -26.89 23.50 -6.99
CA GLN C 111 -27.67 23.54 -8.22
C GLN C 111 -29.11 23.07 -8.01
N ILE C 112 -29.32 22.11 -7.09
CA ILE C 112 -30.68 21.74 -6.67
C ILE C 112 -31.42 22.97 -6.16
N THR C 113 -30.95 23.54 -5.04
CA THR C 113 -31.67 24.60 -4.36
C THR C 113 -31.61 25.91 -5.15
N ASN C 114 -30.45 26.24 -5.72
CA ASN C 114 -30.29 27.40 -6.58
C ASN C 114 -30.05 26.96 -8.01
N PRO C 115 -31.06 26.96 -8.88
CA PRO C 115 -30.78 26.61 -10.29
C PRO C 115 -29.99 27.69 -11.01
N GLU C 116 -30.35 28.96 -10.82
CA GLU C 116 -29.60 30.05 -11.44
C GLU C 116 -28.23 30.18 -10.78
N ASN C 117 -27.49 31.19 -11.24
CA ASN C 117 -26.21 31.57 -10.63
C ASN C 117 -26.35 32.83 -9.79
N LYS C 118 -27.46 32.98 -9.08
CA LYS C 118 -27.61 34.12 -8.18
C LYS C 118 -26.51 34.06 -7.12
N SER C 119 -26.01 35.24 -6.76
CA SER C 119 -24.91 35.36 -5.80
C SER C 119 -25.35 35.12 -4.36
N THR C 120 -26.45 34.39 -4.16
CA THR C 120 -27.21 34.47 -2.93
C THR C 120 -28.33 33.43 -2.89
N LEU C 121 -28.45 32.75 -1.75
CA LEU C 121 -29.21 31.50 -1.62
C LEU C 121 -30.38 31.69 -0.66
N ASN C 122 -31.57 31.28 -1.10
CA ASN C 122 -32.79 31.43 -0.30
C ASN C 122 -32.93 30.21 0.61
N LEU C 123 -32.90 30.43 1.93
CA LEU C 123 -32.99 29.31 2.84
C LEU C 123 -34.38 28.68 2.83
N LYS C 124 -35.41 29.48 2.55
CA LYS C 124 -36.76 28.93 2.37
C LYS C 124 -36.82 28.01 1.16
N THR C 125 -36.09 28.36 0.09
CA THR C 125 -36.03 27.49 -1.08
C THR C 125 -35.31 26.18 -0.77
N VAL C 126 -34.35 26.21 0.14
CA VAL C 126 -33.64 24.98 0.50
C VAL C 126 -34.56 24.04 1.24
N SER C 127 -35.30 24.55 2.22
CA SER C 127 -36.23 23.69 2.93
C SER C 127 -37.32 23.18 2.00
N GLN C 128 -37.69 23.98 1.00
CA GLN C 128 -38.65 23.54 -0.01
C GLN C 128 -38.11 22.37 -0.83
N LYS C 129 -36.90 22.51 -1.35
CA LYS C 129 -36.33 21.48 -2.21
C LYS C 129 -36.10 20.19 -1.43
N LEU C 130 -35.68 20.31 -0.17
CA LEU C 130 -35.34 19.13 0.62
C LEU C 130 -36.60 18.39 1.10
N THR C 131 -37.71 19.11 1.33
CA THR C 131 -38.98 18.44 1.62
C THR C 131 -39.44 17.60 0.44
N GLU C 132 -39.17 18.07 -0.79
CA GLU C 132 -39.54 17.32 -1.97
C GLU C 132 -38.69 16.07 -2.14
N SER C 133 -37.40 16.16 -1.82
CA SER C 133 -36.47 15.05 -2.02
C SER C 133 -36.45 14.07 -0.87
N ILE C 134 -37.49 14.04 -0.04
CA ILE C 134 -37.54 13.12 1.08
C ILE C 134 -37.58 11.68 0.58
C1 EDO D . 8.01 -6.58 -4.73
O1 EDO D . 6.95 -7.44 -4.24
C2 EDO D . 8.87 -6.26 -3.52
O2 EDO D . 9.31 -7.55 -3.11
C10 KQ0 E . 20.20 -9.95 0.15
N12 KQ0 E . 20.33 -7.72 -0.85
C13 KQ0 E . 20.58 -6.89 -2.05
C15 KQ0 E . 18.09 -6.56 -2.78
C20 KQ0 E . 19.44 -2.57 -0.34
C21 KQ0 E . 20.51 -1.83 0.27
C22 KQ0 E . 21.77 -2.45 0.13
C01 KQ0 E . 26.79 -9.53 1.63
C03 KQ0 E . 24.88 -8.52 0.80
C04 KQ0 E . 24.69 -9.54 -0.15
C05 KQ0 E . 23.41 -9.72 -0.71
C06 KQ0 E . 22.35 -8.91 -0.30
C07 KQ0 E . 22.54 -7.89 0.64
C08 KQ0 E . 23.81 -7.70 1.19
C09 KQ0 E . 20.93 -9.08 -0.88
C11 KQ0 E . 19.89 -10.11 -1.34
C14 KQ0 E . 19.28 -6.08 -2.18
C18 KQ0 E . 18.96 -4.79 -1.69
C19 KQ0 E . 19.85 -3.79 -0.95
N16 KQ0 E . 17.22 -5.59 -2.66
N17 KQ0 E . 17.72 -4.54 -2.02
O02 KQ0 E . 26.15 -8.31 1.34
S23 KQ0 E . 21.51 -3.91 -0.72
O1 PG4 F . 17.35 -9.01 4.21
C1 PG4 F . 16.76 -10.13 3.62
C2 PG4 F . 17.81 -10.88 2.81
O2 PG4 F . 18.53 -11.74 3.66
C3 PG4 F . 19.50 -12.52 3.03
C4 PG4 F . 20.68 -12.68 3.98
O3 PG4 F . 20.44 -13.65 4.95
C5 PG4 F . 20.91 -13.38 6.24
C6 PG4 F . 20.09 -14.22 7.22
O4 PG4 F . 19.79 -13.51 8.38
C7 PG4 F . 18.42 -13.62 8.76
C8 PG4 F . 18.20 -14.96 9.46
O5 PG4 F . 16.93 -15.44 9.08
C1 EDO G . -29.09 -6.61 15.07
O1 EDO G . -29.26 -6.61 13.66
C2 EDO G . -27.59 -6.59 15.10
O2 EDO G . -27.25 -7.00 13.76
#